data_1PX0
#
_entry.id   1PX0
#
_cell.length_a   146.703
_cell.length_b   71.843
_cell.length_c   97.310
_cell.angle_alpha   90.00
_cell.angle_beta   92.82
_cell.angle_gamma   90.00
#
_symmetry.space_group_name_H-M   'C 1 2 1'
#
loop_
_entity.id
_entity.type
_entity.pdbx_description
1 polymer 'halohydrin dehalogenase'
2 non-polymer (R)-1-PARA-NITRO-PHENYL-2-AZIDO-ETHANOL
3 water water
#
_entity_poly.entity_id   1
_entity_poly.type   'polypeptide(L)'
_entity_poly.pdbx_seq_one_letter_code
;MSTAIVTNVKHFGGMGSALRLSEAGHTVACHDESFKQKDELEAFAETYPQLKPMSEQEPAELIEAVTSAYGQVDVLVSND
IFAPEFQPIDKYAVEDYRGAVEALQIRPFALVNAVASQMKKRKSGHIIFITSATPFGPWKELSTYTSARAGACTLANALS
KELGEYNIPVFAIGPNYLHSEDSPYFYPTEPWKTNPEHVAHVKKVTALQRLGTQKELGELVAFLASGSCDYLTGQVFWLA
GGFPMIERWPGMPE
;
_entity_poly.pdbx_strand_id   A,B,C,D
#
# COMPACT_ATOMS: atom_id res chain seq x y z
N SER A 2 -4.83 33.88 2.21
CA SER A 2 -4.85 33.48 3.65
C SER A 2 -3.45 33.63 4.23
N THR A 3 -3.24 33.09 5.43
CA THR A 3 -1.94 33.18 6.08
C THR A 3 -1.35 31.78 6.19
N ALA A 4 -0.14 31.60 5.68
CA ALA A 4 0.48 30.28 5.72
C ALA A 4 1.82 30.30 6.43
N ILE A 5 2.19 29.15 7.01
CA ILE A 5 3.47 29.01 7.69
C ILE A 5 4.27 27.92 6.97
N VAL A 6 5.51 28.23 6.60
CA VAL A 6 6.39 27.24 5.98
C VAL A 6 7.61 27.16 6.89
N THR A 7 7.90 25.97 7.39
CA THR A 7 9.05 25.78 8.28
C THR A 7 10.33 25.41 7.54
N ASN A 8 11.48 25.56 8.21
CA ASN A 8 12.78 25.26 7.60
C ASN A 8 12.80 25.74 6.15
N VAL A 9 12.33 26.97 5.97
CA VAL A 9 12.20 27.56 4.64
C VAL A 9 13.41 27.50 3.71
N LYS A 10 14.62 27.55 4.25
CA LYS A 10 15.81 27.51 3.40
C LYS A 10 16.16 26.11 2.91
N HIS A 11 15.45 25.11 3.40
CA HIS A 11 15.78 23.74 3.04
C HIS A 11 14.64 22.87 2.54
N PHE A 12 15.01 21.75 1.92
CA PHE A 12 14.05 20.78 1.43
C PHE A 12 12.98 21.44 0.55
N GLY A 13 11.70 21.26 0.88
CA GLY A 13 10.66 21.86 0.07
C GLY A 13 10.29 23.27 0.51
N GLY A 14 11.14 23.87 1.34
CA GLY A 14 10.88 25.20 1.86
C GLY A 14 10.68 26.34 0.87
N MET A 15 11.72 26.66 0.11
CA MET A 15 11.64 27.76 -0.84
C MET A 15 10.56 27.59 -1.90
N GLY A 16 10.44 26.38 -2.45
CA GLY A 16 9.44 26.14 -3.46
C GLY A 16 8.04 26.40 -2.91
N SER A 17 7.80 25.90 -1.71
CA SER A 17 6.49 26.09 -1.07
C SER A 17 6.24 27.56 -0.75
N ALA A 18 7.19 28.20 -0.07
CA ALA A 18 7.02 29.60 0.31
C ALA A 18 6.84 30.55 -0.86
N LEU A 19 7.68 30.41 -1.87
CA LEU A 19 7.61 31.26 -3.05
C LEU A 19 6.31 31.15 -3.84
N ARG A 20 5.88 29.93 -4.12
CA ARG A 20 4.64 29.74 -4.88
C ARG A 20 3.42 30.15 -4.08
N LEU A 21 3.45 29.91 -2.78
CA LEU A 21 2.35 30.29 -1.91
C LEU A 21 2.22 31.81 -1.93
N SER A 22 3.36 32.48 -1.97
CA SER A 22 3.36 33.94 -1.98
C SER A 22 2.87 34.45 -3.32
N GLU A 23 3.30 33.82 -4.41
CA GLU A 23 2.88 34.22 -5.75
C GLU A 23 1.36 34.06 -5.82
N ALA A 24 0.84 33.09 -5.08
CA ALA A 24 -0.59 32.83 -5.06
C ALA A 24 -1.33 33.90 -4.27
N GLY A 25 -0.60 34.79 -3.62
CA GLY A 25 -1.23 35.88 -2.88
C GLY A 25 -1.34 35.70 -1.38
N HIS A 26 -0.83 34.58 -0.87
CA HIS A 26 -0.87 34.32 0.56
C HIS A 26 0.21 35.09 1.31
N THR A 27 -0.04 35.36 2.59
CA THR A 27 0.95 35.99 3.45
C THR A 27 1.69 34.77 3.96
N VAL A 28 2.99 34.68 3.69
CA VAL A 28 3.73 33.50 4.10
C VAL A 28 4.77 33.74 5.18
N ALA A 29 4.47 33.31 6.40
CA ALA A 29 5.39 33.46 7.52
C ALA A 29 6.34 32.29 7.40
N CYS A 30 7.64 32.58 7.52
CA CYS A 30 8.65 31.55 7.38
C CYS A 30 9.51 31.35 8.62
N HIS A 31 9.75 30.08 8.94
CA HIS A 31 10.58 29.70 10.08
C HIS A 31 11.85 29.05 9.56
N ASP A 32 12.93 29.22 10.30
CA ASP A 32 14.21 28.59 9.96
C ASP A 32 15.12 28.70 11.17
N GLU A 33 15.89 27.65 11.45
CA GLU A 33 16.80 27.65 12.58
C GLU A 33 17.78 28.83 12.53
N SER A 34 18.13 29.27 11.33
CA SER A 34 19.07 30.38 11.18
C SER A 34 18.46 31.72 11.58
N PHE A 35 17.14 31.82 11.50
CA PHE A 35 16.45 33.06 11.85
C PHE A 35 16.57 33.42 13.33
N LYS A 36 17.27 32.57 14.09
CA LYS A 36 17.51 32.84 15.51
C LYS A 36 18.48 34.01 15.54
N GLN A 37 19.24 34.18 14.46
CA GLN A 37 20.19 35.27 14.36
C GLN A 37 19.51 36.41 13.60
N LYS A 38 19.53 37.60 14.20
CA LYS A 38 18.92 38.76 13.58
C LYS A 38 19.56 38.96 12.21
N ASP A 39 20.86 38.76 12.14
CA ASP A 39 21.61 38.93 10.90
C ASP A 39 21.04 38.10 9.76
N GLU A 40 20.86 36.82 10.03
CA GLU A 40 20.33 35.88 9.05
C GLU A 40 18.89 36.21 8.69
N LEU A 41 18.08 36.55 9.70
CA LEU A 41 16.68 36.88 9.45
C LEU A 41 16.53 38.14 8.59
N GLU A 42 17.20 39.23 8.97
CA GLU A 42 17.09 40.46 8.21
C GLU A 42 17.63 40.28 6.78
N ALA A 43 18.66 39.46 6.62
CA ALA A 43 19.23 39.22 5.30
C ALA A 43 18.20 38.52 4.42
N PHE A 44 17.51 37.53 4.99
CA PHE A 44 16.50 36.77 4.26
C PHE A 44 15.34 37.71 3.89
N ALA A 45 14.89 38.48 4.86
CA ALA A 45 13.79 39.42 4.64
C ALA A 45 14.05 40.40 3.50
N GLU A 46 15.27 40.92 3.41
CA GLU A 46 15.61 41.86 2.35
C GLU A 46 15.58 41.19 0.99
N THR A 47 16.11 39.96 0.91
CA THR A 47 16.14 39.23 -0.34
C THR A 47 14.75 38.83 -0.83
N TYR A 48 13.88 38.45 0.08
CA TYR A 48 12.52 38.04 -0.28
C TYR A 48 11.46 38.88 0.40
N PRO A 49 11.26 40.11 -0.10
CA PRO A 49 10.24 40.98 0.51
C PRO A 49 8.84 40.38 0.43
N GLN A 50 8.65 39.35 -0.40
CA GLN A 50 7.33 38.73 -0.51
C GLN A 50 7.10 37.66 0.57
N LEU A 51 8.10 37.44 1.43
CA LEU A 51 7.95 36.46 2.50
C LEU A 51 8.11 37.14 3.85
N LYS A 52 7.56 36.54 4.91
CA LYS A 52 7.66 37.15 6.24
C LYS A 52 8.42 36.22 7.19
N PRO A 53 9.76 36.33 7.25
CA PRO A 53 10.52 35.47 8.15
C PRO A 53 10.24 35.77 9.62
N MET A 54 10.15 34.70 10.43
CA MET A 54 9.87 34.83 11.86
C MET A 54 11.10 34.37 12.63
N SER A 55 11.29 34.88 13.84
CA SER A 55 12.44 34.47 14.64
C SER A 55 12.08 33.28 15.54
N GLU A 56 10.78 33.13 15.84
CA GLU A 56 10.32 32.05 16.71
C GLU A 56 10.80 30.66 16.26
N GLN A 57 11.26 29.86 17.22
CA GLN A 57 11.77 28.53 16.94
C GLN A 57 10.85 27.38 17.35
N GLU A 58 10.22 27.51 18.51
CA GLU A 58 9.33 26.46 19.01
C GLU A 58 7.92 26.56 18.42
N PRO A 59 7.23 25.40 18.30
CA PRO A 59 5.88 25.28 17.77
C PRO A 59 4.87 26.25 18.37
N ALA A 60 4.63 26.13 19.68
CA ALA A 60 3.68 27.00 20.35
C ALA A 60 4.03 28.47 20.09
N GLU A 61 5.30 28.82 20.31
CA GLU A 61 5.75 30.20 20.11
C GLU A 61 5.52 30.69 18.69
N LEU A 62 5.81 29.83 17.71
CA LEU A 62 5.66 30.20 16.31
C LEU A 62 4.20 30.43 15.91
N ILE A 63 3.31 29.53 16.32
CA ILE A 63 1.90 29.65 16.00
C ILE A 63 1.31 30.94 16.59
N GLU A 64 1.65 31.22 17.84
CA GLU A 64 1.14 32.40 18.50
C GLU A 64 1.70 33.67 17.85
N ALA A 65 3.00 33.65 17.55
CA ALA A 65 3.64 34.80 16.92
C ALA A 65 3.01 35.14 15.56
N VAL A 66 2.75 34.11 14.76
CA VAL A 66 2.14 34.31 13.45
C VAL A 66 0.68 34.71 13.58
N THR A 67 -0.02 34.12 14.54
CA THR A 67 -1.42 34.46 14.75
C THR A 67 -1.57 35.91 15.19
N SER A 68 -0.63 36.37 16.03
CA SER A 68 -0.68 37.74 16.54
C SER A 68 -0.30 38.76 15.50
N ALA A 69 0.70 38.44 14.71
CA ALA A 69 1.16 39.35 13.66
C ALA A 69 0.22 39.36 12.47
N TYR A 70 -0.23 38.19 12.05
CA TYR A 70 -1.07 38.08 10.86
C TYR A 70 -2.49 37.56 11.02
N GLY A 71 -3.07 37.72 12.21
CA GLY A 71 -4.44 37.31 12.44
C GLY A 71 -4.76 35.86 12.78
N GLN A 72 -4.23 34.94 12.00
CA GLN A 72 -4.50 33.53 12.24
C GLN A 72 -3.61 32.70 11.33
N VAL A 73 -3.67 31.38 11.49
CA VAL A 73 -2.88 30.48 10.66
C VAL A 73 -3.86 29.62 9.88
N ASP A 74 -3.91 29.80 8.57
CA ASP A 74 -4.84 29.05 7.73
C ASP A 74 -4.20 27.83 7.08
N VAL A 75 -2.90 27.92 6.83
CA VAL A 75 -2.18 26.83 6.17
C VAL A 75 -0.85 26.54 6.87
N LEU A 76 -0.67 25.29 7.27
CA LEU A 76 0.57 24.88 7.91
C LEU A 76 1.33 23.96 6.97
N VAL A 77 2.54 24.33 6.60
CA VAL A 77 3.36 23.48 5.74
C VAL A 77 4.54 23.05 6.61
N SER A 78 4.45 21.83 7.14
CA SER A 78 5.51 21.33 7.99
C SER A 78 6.59 20.67 7.13
N ASN A 79 7.56 21.49 6.75
CA ASN A 79 8.69 21.07 5.92
C ASN A 79 9.78 20.58 6.87
N ASP A 80 9.66 19.31 7.28
CA ASP A 80 10.59 18.73 8.24
C ASP A 80 11.85 18.11 7.63
N ILE A 81 12.98 18.35 8.30
CA ILE A 81 14.27 17.87 7.84
C ILE A 81 15.09 17.23 8.96
N PHE A 82 16.07 16.45 8.56
CA PHE A 82 16.97 15.77 9.48
C PHE A 82 18.16 15.31 8.65
N ALA A 83 19.35 15.29 9.23
CA ALA A 83 20.55 14.88 8.51
C ALA A 83 21.04 13.54 9.04
N PRO A 84 20.55 12.44 8.45
CA PRO A 84 20.93 11.09 8.88
C PRO A 84 22.20 10.56 8.23
N GLU A 85 22.81 9.58 8.86
CA GLU A 85 23.99 8.91 8.31
C GLU A 85 23.40 7.58 7.86
N PHE A 86 24.09 6.91 6.94
CA PHE A 86 23.66 5.59 6.51
C PHE A 86 24.49 4.65 7.37
N GLN A 87 23.85 3.66 8.01
CA GLN A 87 24.59 2.71 8.82
C GLN A 87 23.82 1.43 9.07
N PRO A 88 24.56 0.32 9.27
CA PRO A 88 23.92 -0.96 9.56
C PRO A 88 23.23 -0.73 10.90
N ILE A 89 22.14 -1.44 11.16
CA ILE A 89 21.39 -1.27 12.40
C ILE A 89 22.23 -1.32 13.69
N ASP A 90 23.22 -2.21 13.75
CA ASP A 90 24.03 -2.31 14.95
C ASP A 90 25.07 -1.20 15.12
N LYS A 91 25.29 -0.40 14.09
CA LYS A 91 26.25 0.69 14.18
C LYS A 91 25.62 2.01 14.63
N TYR A 92 24.30 2.12 14.47
CA TYR A 92 23.63 3.34 14.92
C TYR A 92 23.69 3.36 16.44
N ALA A 93 23.42 4.54 17.00
CA ALA A 93 23.34 4.70 18.45
C ALA A 93 21.82 4.83 18.59
N VAL A 94 21.25 4.33 19.67
CA VAL A 94 19.80 4.46 19.82
C VAL A 94 19.45 5.94 19.76
N GLU A 95 20.35 6.78 20.23
CA GLU A 95 20.15 8.23 20.21
C GLU A 95 19.97 8.72 18.77
N ASP A 96 20.56 8.01 17.81
CA ASP A 96 20.43 8.41 16.41
C ASP A 96 18.98 8.27 15.92
N TYR A 97 18.28 7.25 16.42
CA TYR A 97 16.91 7.05 16.01
C TYR A 97 16.03 8.05 16.75
N ARG A 98 16.36 8.34 18.01
CA ARG A 98 15.59 9.32 18.77
C ARG A 98 15.64 10.69 18.10
N GLY A 99 16.81 11.07 17.59
CA GLY A 99 16.94 12.34 16.91
C GLY A 99 16.10 12.40 15.64
N ALA A 100 16.12 11.31 14.88
CA ALA A 100 15.36 11.23 13.65
C ALA A 100 13.87 11.38 13.93
N VAL A 101 13.38 10.63 14.91
CA VAL A 101 11.98 10.68 15.27
C VAL A 101 11.57 12.06 15.80
N GLU A 102 12.44 12.66 16.59
CA GLU A 102 12.15 13.98 17.16
C GLU A 102 11.95 15.02 16.05
N ALA A 103 12.86 15.02 15.09
CA ALA A 103 12.80 15.98 13.99
C ALA A 103 11.74 15.72 12.93
N LEU A 104 11.49 14.45 12.63
CA LEU A 104 10.55 14.09 11.58
C LEU A 104 9.15 13.66 12.01
N GLN A 105 8.99 13.29 13.28
CA GLN A 105 7.67 12.89 13.76
C GLN A 105 7.14 13.79 14.88
N ILE A 106 7.94 13.99 15.92
CA ILE A 106 7.52 14.83 17.05
C ILE A 106 7.27 16.28 16.62
N ARG A 107 8.17 16.82 15.79
CA ARG A 107 8.00 18.22 15.36
C ARG A 107 6.69 18.45 14.60
N PRO A 108 6.43 17.70 13.52
CA PRO A 108 5.16 17.98 12.86
C PRO A 108 3.97 17.79 13.79
N PHE A 109 4.04 16.78 14.65
CA PHE A 109 2.97 16.52 15.60
C PHE A 109 2.80 17.72 16.52
N ALA A 110 3.90 18.28 17.01
CA ALA A 110 3.82 19.42 17.91
C ALA A 110 3.21 20.65 17.22
N LEU A 111 3.53 20.85 15.95
CA LEU A 111 3.00 22.01 15.23
C LEU A 111 1.49 21.90 15.04
N VAL A 112 1.02 20.70 14.69
CA VAL A 112 -0.42 20.50 14.49
C VAL A 112 -1.08 20.60 15.86
N ASN A 113 -0.43 20.03 16.86
CA ASN A 113 -0.96 20.07 18.23
C ASN A 113 -1.20 21.52 18.68
N ALA A 114 -0.40 22.45 18.16
CA ALA A 114 -0.53 23.86 18.56
C ALA A 114 -1.50 24.71 17.75
N VAL A 115 -1.73 24.35 16.49
CA VAL A 115 -2.62 25.14 15.64
C VAL A 115 -3.99 24.53 15.39
N ALA A 116 -4.14 23.25 15.69
CA ALA A 116 -5.41 22.56 15.45
C ALA A 116 -6.62 23.22 16.09
N SER A 117 -6.51 23.55 17.37
CA SER A 117 -7.66 24.15 18.04
C SER A 117 -8.20 25.39 17.34
N GLN A 118 -7.33 26.28 16.85
CA GLN A 118 -7.84 27.46 16.18
C GLN A 118 -8.49 27.16 14.83
N MET A 119 -7.96 26.18 14.10
CA MET A 119 -8.54 25.82 12.80
C MET A 119 -9.90 25.14 12.99
N LYS A 120 -9.99 24.27 13.99
CA LYS A 120 -11.24 23.56 14.27
C LYS A 120 -12.32 24.54 14.66
N LYS A 121 -11.94 25.56 15.43
CA LYS A 121 -12.89 26.58 15.85
C LYS A 121 -13.54 27.26 14.65
N ARG A 122 -12.74 27.62 13.66
CA ARG A 122 -13.25 28.30 12.46
C ARG A 122 -13.78 27.27 11.47
N LYS A 123 -13.43 26.01 11.70
CA LYS A 123 -13.78 24.93 10.79
C LYS A 123 -13.20 25.25 9.42
N SER A 124 -11.91 25.56 9.39
CA SER A 124 -11.22 25.84 8.14
C SER A 124 -9.71 25.85 8.36
N GLY A 125 -8.98 25.36 7.37
CA GLY A 125 -7.53 25.31 7.45
C GLY A 125 -7.03 24.15 6.61
N HIS A 126 -5.74 24.14 6.32
CA HIS A 126 -5.13 23.05 5.56
C HIS A 126 -3.81 22.72 6.21
N ILE A 127 -3.51 21.42 6.31
CA ILE A 127 -2.26 20.96 6.91
C ILE A 127 -1.52 20.12 5.88
N ILE A 128 -0.26 20.46 5.65
CA ILE A 128 0.58 19.75 4.69
C ILE A 128 1.91 19.37 5.33
N PHE A 129 2.22 18.08 5.32
CA PHE A 129 3.50 17.62 5.86
C PHE A 129 4.37 17.32 4.65
N ILE A 130 5.64 17.74 4.69
CA ILE A 130 6.54 17.40 3.61
C ILE A 130 7.34 16.29 4.27
N THR A 131 7.11 15.06 3.84
CA THR A 131 7.79 13.93 4.44
C THR A 131 8.84 13.32 3.53
N SER A 132 8.58 12.11 3.04
CA SER A 132 9.53 11.44 2.17
C SER A 132 8.88 10.27 1.44
N ALA A 133 9.44 9.92 0.29
CA ALA A 133 8.93 8.81 -0.50
C ALA A 133 9.76 7.57 -0.20
N THR A 134 10.80 7.71 0.61
CA THR A 134 11.66 6.58 0.94
C THR A 134 10.92 5.38 1.53
N PRO A 135 9.86 5.62 2.34
CA PRO A 135 9.16 4.46 2.90
C PRO A 135 8.61 3.53 1.80
N PHE A 136 8.32 4.12 0.63
CA PHE A 136 7.79 3.35 -0.51
C PHE A 136 8.85 2.49 -1.21
N GLY A 137 10.12 2.83 -1.01
CA GLY A 137 11.21 2.07 -1.61
C GLY A 137 12.47 2.23 -0.78
N PRO A 138 12.51 1.63 0.42
CA PRO A 138 13.66 1.70 1.33
C PRO A 138 15.00 1.24 0.76
N TRP A 139 16.05 2.01 1.04
CA TRP A 139 17.41 1.63 0.62
C TRP A 139 17.92 0.96 1.89
N LYS A 140 18.86 0.03 1.77
CA LYS A 140 19.38 -0.57 3.00
C LYS A 140 20.26 0.43 3.76
N GLU A 141 20.34 0.26 5.08
CA GLU A 141 21.15 1.09 5.94
C GLU A 141 20.70 2.53 6.21
N LEU A 142 19.40 2.76 6.16
CA LEU A 142 18.84 4.08 6.45
C LEU A 142 17.52 3.83 7.20
N SER A 143 17.55 2.87 8.11
CA SER A 143 16.36 2.48 8.87
C SER A 143 15.76 3.53 9.81
N THR A 144 16.60 4.42 10.37
CA THR A 144 16.10 5.46 11.28
C THR A 144 15.26 6.49 10.53
N TYR A 145 15.88 7.13 9.56
CA TYR A 145 15.23 8.15 8.74
C TYR A 145 13.99 7.62 8.02
N THR A 146 14.14 6.50 7.34
CA THR A 146 13.03 5.93 6.59
C THR A 146 11.81 5.63 7.45
N SER A 147 12.00 4.91 8.55
CA SER A 147 10.88 4.56 9.40
C SER A 147 10.23 5.78 10.06
N ALA A 148 11.03 6.79 10.40
CA ALA A 148 10.48 7.99 11.01
C ALA A 148 9.57 8.69 10.00
N ARG A 149 10.05 8.75 8.75
CA ARG A 149 9.28 9.39 7.68
C ARG A 149 7.97 8.66 7.48
N ALA A 150 8.00 7.34 7.64
CA ALA A 150 6.81 6.54 7.48
C ALA A 150 5.83 6.96 8.58
N GLY A 151 6.35 7.16 9.79
CA GLY A 151 5.49 7.56 10.89
C GLY A 151 4.79 8.87 10.59
N ALA A 152 5.52 9.81 9.99
CA ALA A 152 4.96 11.12 9.66
C ALA A 152 3.87 11.00 8.59
N CYS A 153 4.06 10.09 7.63
CA CYS A 153 3.08 9.90 6.58
C CYS A 153 1.79 9.39 7.19
N THR A 154 1.90 8.42 8.08
CA THR A 154 0.73 7.84 8.73
C THR A 154 0.07 8.85 9.68
N LEU A 155 0.87 9.72 10.29
CA LEU A 155 0.35 10.73 11.22
C LEU A 155 -0.60 11.64 10.44
N ALA A 156 -0.22 11.98 9.21
CA ALA A 156 -1.03 12.84 8.37
C ALA A 156 -2.35 12.14 8.00
N ASN A 157 -2.26 10.94 7.43
CA ASN A 157 -3.45 10.21 7.06
C ASN A 157 -4.37 10.06 8.27
N ALA A 158 -3.81 9.72 9.43
CA ALA A 158 -4.60 9.56 10.64
C ALA A 158 -5.31 10.85 11.02
N LEU A 159 -4.59 11.96 11.01
CA LEU A 159 -5.19 13.25 11.37
C LEU A 159 -6.32 13.66 10.42
N SER A 160 -6.22 13.24 9.16
CA SER A 160 -7.25 13.59 8.20
C SER A 160 -8.58 12.99 8.64
N LYS A 161 -8.51 11.83 9.31
CA LYS A 161 -9.71 11.15 9.78
C LYS A 161 -10.44 11.97 10.84
N GLU A 162 -9.71 12.62 11.73
CA GLU A 162 -10.37 13.40 12.76
C GLU A 162 -10.62 14.85 12.38
N LEU A 163 -9.73 15.42 11.56
CA LEU A 163 -9.89 16.82 11.18
C LEU A 163 -10.86 17.07 10.03
N GLY A 164 -11.24 15.99 9.33
CA GLY A 164 -12.17 16.15 8.23
C GLY A 164 -13.52 16.66 8.71
N GLU A 165 -13.92 16.24 9.90
CA GLU A 165 -15.20 16.65 10.48
C GLU A 165 -15.22 18.17 10.67
N TYR A 166 -14.03 18.77 10.76
CA TYR A 166 -13.92 20.20 10.94
C TYR A 166 -13.52 20.91 9.65
N ASN A 167 -13.69 20.20 8.54
CA ASN A 167 -13.38 20.73 7.21
C ASN A 167 -11.93 21.15 7.05
N ILE A 168 -11.03 20.37 7.63
CA ILE A 168 -9.60 20.62 7.55
C ILE A 168 -8.88 19.49 6.85
N PRO A 169 -8.49 19.68 5.58
CA PRO A 169 -7.78 18.64 4.83
C PRO A 169 -6.35 18.49 5.36
N VAL A 170 -5.85 17.26 5.36
CA VAL A 170 -4.50 16.98 5.82
C VAL A 170 -3.80 16.15 4.75
N PHE A 171 -2.61 16.58 4.32
CA PHE A 171 -1.87 15.86 3.29
C PHE A 171 -0.42 15.62 3.66
N ALA A 172 0.21 14.66 2.99
CA ALA A 172 1.61 14.37 3.20
C ALA A 172 2.24 14.27 1.82
N ILE A 173 3.24 15.10 1.53
CA ILE A 173 3.92 15.08 0.24
C ILE A 173 5.27 14.41 0.46
N GLY A 174 5.45 13.22 -0.09
CA GLY A 174 6.70 12.49 0.09
C GLY A 174 7.61 12.60 -1.11
N PRO A 175 8.59 13.51 -1.06
CA PRO A 175 9.50 13.65 -2.20
C PRO A 175 10.70 12.71 -2.16
N ASN A 176 11.40 12.68 -3.27
CA ASN A 176 12.66 11.97 -3.42
C ASN A 176 13.22 12.53 -4.72
N TYR A 177 14.53 12.70 -4.76
CA TYR A 177 15.19 13.27 -5.92
C TYR A 177 14.65 14.65 -6.25
N LEU A 178 14.20 15.35 -5.21
CA LEU A 178 13.70 16.71 -5.36
C LEU A 178 14.87 17.68 -5.27
N HIS A 179 15.15 18.39 -6.37
CA HIS A 179 16.24 19.36 -6.38
C HIS A 179 16.08 20.34 -5.21
N SER A 180 17.15 20.56 -4.44
CA SER A 180 17.10 21.46 -3.30
C SER A 180 17.97 22.70 -3.49
N GLU A 181 18.55 22.84 -4.67
CA GLU A 181 19.37 24.00 -5.00
C GLU A 181 20.55 24.22 -4.06
N ASP A 182 20.55 25.30 -3.28
CA ASP A 182 21.68 25.55 -2.40
C ASP A 182 21.63 24.77 -1.09
N SER A 183 20.46 24.27 -0.73
CA SER A 183 20.32 23.51 0.50
C SER A 183 20.89 22.10 0.40
N PRO A 184 21.66 21.67 1.41
CA PRO A 184 22.25 20.34 1.37
C PRO A 184 21.18 19.31 1.70
N TYR A 185 20.01 19.80 2.04
CA TYR A 185 18.98 18.86 2.40
C TYR A 185 18.39 18.06 1.29
N PHE A 186 19.13 16.97 1.05
CA PHE A 186 18.83 15.93 0.12
C PHE A 186 19.36 16.05 -1.31
N TYR A 187 18.97 17.04 -2.11
CA TYR A 187 19.53 17.07 -3.47
C TYR A 187 20.01 18.40 -4.04
N PRO A 188 21.10 18.95 -3.49
CA PRO A 188 21.63 20.22 -3.97
C PRO A 188 22.14 20.20 -5.42
N THR A 189 22.18 21.38 -6.05
CA THR A 189 22.64 21.50 -7.42
C THR A 189 24.00 20.82 -7.55
N GLU A 190 24.90 21.10 -6.60
CA GLU A 190 26.21 20.47 -6.60
C GLU A 190 26.06 19.33 -5.60
N PRO A 191 26.29 18.08 -6.03
CA PRO A 191 26.70 17.60 -7.36
C PRO A 191 25.59 17.01 -8.23
N TRP A 192 24.38 16.96 -7.72
CA TRP A 192 23.30 16.31 -8.47
C TRP A 192 22.99 16.78 -9.88
N LYS A 193 23.26 18.03 -10.20
CA LYS A 193 22.99 18.50 -11.55
C LYS A 193 24.30 18.70 -12.31
N THR A 194 25.42 18.57 -11.61
CA THR A 194 26.71 18.83 -12.25
C THR A 194 27.75 17.71 -12.35
N ASN A 195 27.64 16.68 -11.52
CA ASN A 195 28.60 15.57 -11.57
C ASN A 195 28.00 14.42 -12.36
N PRO A 196 28.74 13.92 -13.37
CA PRO A 196 28.25 12.82 -14.20
C PRO A 196 27.66 11.63 -13.45
N GLU A 197 28.44 11.05 -12.52
CA GLU A 197 27.95 9.90 -11.79
C GLU A 197 26.60 10.13 -11.11
N HIS A 198 26.39 11.33 -10.59
CA HIS A 198 25.11 11.63 -9.92
C HIS A 198 24.00 11.84 -10.93
N VAL A 199 24.28 12.61 -11.99
CA VAL A 199 23.30 12.86 -13.03
C VAL A 199 22.81 11.52 -13.58
N ALA A 200 23.76 10.62 -13.80
CA ALA A 200 23.46 9.29 -14.32
C ALA A 200 22.64 8.48 -13.33
N HIS A 201 22.95 8.59 -12.04
CA HIS A 201 22.21 7.84 -11.03
C HIS A 201 20.74 8.24 -11.09
N VAL A 202 20.48 9.53 -11.15
CA VAL A 202 19.11 10.04 -11.19
C VAL A 202 18.40 9.57 -12.46
N LYS A 203 19.14 9.55 -13.56
CA LYS A 203 18.63 9.14 -14.85
C LYS A 203 18.16 7.68 -14.75
N LYS A 204 18.92 6.88 -14.03
CA LYS A 204 18.62 5.46 -13.86
C LYS A 204 17.46 5.13 -12.94
N VAL A 205 17.43 5.73 -11.75
CA VAL A 205 16.40 5.43 -10.78
C VAL A 205 15.04 6.11 -10.89
N THR A 206 14.93 7.19 -11.66
CA THR A 206 13.63 7.87 -11.81
C THR A 206 13.02 7.61 -13.19
N ALA A 207 11.69 7.56 -13.26
CA ALA A 207 11.01 7.32 -14.51
C ALA A 207 11.21 8.48 -15.48
N LEU A 208 11.07 9.70 -14.97
CA LEU A 208 11.24 10.90 -15.81
C LEU A 208 12.72 11.22 -16.07
N GLN A 209 13.60 10.45 -15.45
CA GLN A 209 15.05 10.60 -15.61
C GLN A 209 15.56 12.03 -15.39
N ARG A 210 15.20 12.59 -14.24
CA ARG A 210 15.62 13.94 -13.88
C ARG A 210 15.21 14.20 -12.44
N LEU A 211 15.77 15.25 -11.86
CA LEU A 211 15.44 15.64 -10.50
C LEU A 211 14.10 16.36 -10.58
N GLY A 212 13.38 16.37 -9.46
CA GLY A 212 12.11 17.08 -9.42
C GLY A 212 12.48 18.53 -9.16
N THR A 213 11.64 19.47 -9.57
CA THR A 213 11.96 20.87 -9.37
C THR A 213 11.21 21.47 -8.19
N GLN A 214 11.79 22.50 -7.58
CA GLN A 214 11.15 23.19 -6.47
C GLN A 214 9.81 23.72 -6.96
N LYS A 215 9.81 24.21 -8.20
CA LYS A 215 8.59 24.76 -8.79
C LYS A 215 7.47 23.71 -8.75
N GLU A 216 7.79 22.47 -9.10
CA GLU A 216 6.78 21.42 -9.09
C GLU A 216 6.21 21.22 -7.68
N LEU A 217 7.10 21.12 -6.71
CA LEU A 217 6.67 20.94 -5.32
C LEU A 217 5.84 22.15 -4.89
N GLY A 218 6.30 23.34 -5.28
CA GLY A 218 5.59 24.55 -4.92
C GLY A 218 4.17 24.59 -5.48
N GLU A 219 4.01 24.15 -6.72
CA GLU A 219 2.71 24.13 -7.40
C GLU A 219 1.74 23.18 -6.69
N LEU A 220 2.25 22.03 -6.27
CA LEU A 220 1.41 21.06 -5.59
C LEU A 220 0.97 21.65 -4.24
N VAL A 221 1.90 22.26 -3.52
CA VAL A 221 1.58 22.85 -2.24
C VAL A 221 0.52 23.95 -2.37
N ALA A 222 0.70 24.85 -3.33
CA ALA A 222 -0.24 25.94 -3.54
C ALA A 222 -1.62 25.44 -3.99
N PHE A 223 -1.62 24.41 -4.84
CA PHE A 223 -2.85 23.81 -5.35
C PHE A 223 -3.67 23.24 -4.19
N LEU A 224 -3.02 22.46 -3.34
CA LEU A 224 -3.68 21.84 -2.20
C LEU A 224 -4.11 22.88 -1.16
N ALA A 225 -3.33 23.94 -1.05
CA ALA A 225 -3.62 25.00 -0.08
C ALA A 225 -4.73 25.95 -0.53
N SER A 226 -5.03 25.93 -1.82
CA SER A 226 -6.05 26.82 -2.40
C SER A 226 -7.48 26.37 -2.12
N GLY A 227 -7.66 25.15 -1.62
CA GLY A 227 -9.00 24.66 -1.36
C GLY A 227 -9.65 24.23 -2.66
N SER A 228 -8.84 24.08 -3.70
CA SER A 228 -9.34 23.66 -5.00
C SER A 228 -9.66 22.16 -5.02
N CYS A 229 -9.05 21.41 -4.11
CA CYS A 229 -9.29 19.98 -4.11
C CYS A 229 -9.14 19.35 -2.73
N ASP A 230 -9.98 19.79 -1.79
CA ASP A 230 -9.94 19.27 -0.44
C ASP A 230 -10.26 17.77 -0.37
N TYR A 231 -11.02 17.26 -1.34
CA TYR A 231 -11.40 15.86 -1.31
C TYR A 231 -10.23 14.87 -1.39
N LEU A 232 -9.01 15.39 -1.51
CA LEU A 232 -7.84 14.51 -1.53
C LEU A 232 -7.31 14.35 -0.12
N THR A 233 -8.02 14.90 0.86
CA THR A 233 -7.55 14.79 2.24
C THR A 233 -7.19 13.35 2.59
N GLY A 234 -6.05 13.20 3.27
CA GLY A 234 -5.58 11.89 3.68
C GLY A 234 -4.53 11.35 2.74
N GLN A 235 -4.41 11.99 1.58
CA GLN A 235 -3.46 11.55 0.56
C GLN A 235 -1.98 11.67 0.91
N VAL A 236 -1.23 10.66 0.49
CA VAL A 236 0.21 10.65 0.66
C VAL A 236 0.63 10.73 -0.80
N PHE A 237 1.26 11.84 -1.17
CA PHE A 237 1.71 12.07 -2.55
C PHE A 237 3.13 11.56 -2.74
N TRP A 238 3.36 10.81 -3.80
CA TRP A 238 4.69 10.31 -4.09
C TRP A 238 5.31 11.20 -5.18
N LEU A 239 5.92 12.30 -4.76
CA LEU A 239 6.54 13.27 -5.66
C LEU A 239 7.97 12.79 -5.93
N ALA A 240 8.10 11.68 -6.65
CA ALA A 240 9.42 11.11 -6.92
C ALA A 240 9.71 10.78 -8.38
N GLY A 241 9.00 11.42 -9.29
CA GLY A 241 9.22 11.19 -10.71
C GLY A 241 9.16 9.76 -11.20
N GLY A 242 8.34 8.92 -10.57
CA GLY A 242 8.24 7.53 -11.01
C GLY A 242 9.22 6.59 -10.32
N PHE A 243 10.03 7.14 -9.41
CA PHE A 243 10.97 6.32 -8.68
C PHE A 243 10.09 5.34 -7.88
N PRO A 244 10.56 4.10 -7.70
CA PRO A 244 11.83 3.57 -8.17
C PRO A 244 11.75 2.76 -9.48
N MET A 245 12.77 2.91 -10.31
CA MET A 245 12.86 2.14 -11.55
C MET A 245 13.58 0.87 -11.12
N ILE A 246 12.99 -0.28 -11.39
CA ILE A 246 13.58 -1.54 -10.97
C ILE A 246 14.46 -2.22 -12.01
N GLU A 247 15.66 -2.61 -11.58
CA GLU A 247 16.63 -3.29 -12.43
C GLU A 247 15.95 -4.52 -13.10
N ARG A 248 16.05 -4.62 -14.43
CA ARG A 248 15.44 -5.75 -15.14
C ARG A 248 16.38 -6.93 -15.39
N TRP A 249 15.83 -8.04 -15.88
CA TRP A 249 16.62 -9.24 -16.15
C TRP A 249 17.83 -8.97 -17.03
N PRO A 250 18.85 -9.85 -16.97
CA PRO A 250 20.06 -9.68 -17.78
C PRO A 250 19.71 -9.64 -19.26
N GLY A 251 20.37 -8.76 -20.00
CA GLY A 251 20.10 -8.67 -21.42
C GLY A 251 19.09 -7.60 -21.81
N MET A 252 18.16 -7.29 -20.92
CA MET A 252 17.15 -6.29 -21.21
C MET A 252 17.77 -4.90 -21.15
N PRO A 253 17.45 -4.03 -22.13
CA PRO A 253 18.02 -2.68 -22.15
C PRO A 253 17.59 -1.76 -21.00
N SER B 2 16.07 -23.73 18.94
CA SER B 2 17.00 -22.58 19.11
C SER B 2 16.55 -21.73 20.30
N THR B 3 17.20 -20.58 20.48
CA THR B 3 16.85 -19.71 21.60
C THR B 3 16.11 -18.47 21.15
N ALA B 4 14.93 -18.27 21.72
CA ALA B 4 14.10 -17.14 21.37
C ALA B 4 13.85 -16.22 22.56
N ILE B 5 13.58 -14.95 22.26
CA ILE B 5 13.25 -13.98 23.28
C ILE B 5 11.88 -13.42 22.91
N VAL B 6 10.99 -13.34 23.89
CA VAL B 6 9.68 -12.76 23.66
C VAL B 6 9.53 -11.72 24.75
N THR B 7 9.29 -10.47 24.36
CA THR B 7 9.15 -9.37 25.31
C THR B 7 7.69 -9.18 25.75
N ASN B 8 7.49 -8.43 26.84
CA ASN B 8 6.17 -8.16 27.39
C ASN B 8 5.32 -9.43 27.25
N VAL B 9 5.91 -10.55 27.61
CA VAL B 9 5.27 -11.86 27.48
C VAL B 9 3.86 -12.01 28.03
N LYS B 10 3.50 -11.22 29.05
CA LYS B 10 2.17 -11.34 29.64
C LYS B 10 1.08 -10.60 28.87
N HIS B 11 1.46 -9.82 27.87
CA HIS B 11 0.51 -8.99 27.14
C HIS B 11 0.52 -9.10 25.60
N PHE B 12 -0.55 -8.61 24.99
CA PHE B 12 -0.66 -8.58 23.54
C PHE B 12 -0.34 -9.94 22.90
N GLY B 13 0.69 -9.99 22.05
CA GLY B 13 1.02 -11.25 21.41
C GLY B 13 2.04 -12.08 22.16
N GLY B 14 2.34 -11.68 23.39
CA GLY B 14 3.33 -12.39 24.20
C GLY B 14 3.09 -13.85 24.52
N MET B 15 1.97 -14.18 25.16
CA MET B 15 1.69 -15.57 25.53
C MET B 15 1.55 -16.53 24.35
N GLY B 16 0.86 -16.10 23.30
CA GLY B 16 0.71 -16.97 22.14
C GLY B 16 2.08 -17.29 21.53
N SER B 17 2.92 -16.27 21.44
CA SER B 17 4.26 -16.43 20.87
C SER B 17 5.16 -17.35 21.70
N ALA B 18 5.27 -17.09 23.00
CA ALA B 18 6.11 -17.90 23.88
C ALA B 18 5.65 -19.35 23.99
N LEU B 19 4.34 -19.53 24.18
CA LEU B 19 3.78 -20.88 24.31
C LEU B 19 4.02 -21.74 23.08
N ARG B 20 3.68 -21.25 21.89
CA ARG B 20 3.86 -22.02 20.68
C ARG B 20 5.33 -22.23 20.31
N LEU B 21 6.15 -21.23 20.62
CA LEU B 21 7.57 -21.30 20.33
C LEU B 21 8.15 -22.40 21.23
N SER B 22 7.70 -22.45 22.47
CA SER B 22 8.19 -23.47 23.38
C SER B 22 7.73 -24.85 22.93
N GLU B 23 6.52 -24.92 22.39
CA GLU B 23 5.98 -26.19 21.92
C GLU B 23 6.74 -26.70 20.71
N ALA B 24 7.34 -25.78 19.96
CA ALA B 24 8.11 -26.14 18.78
C ALA B 24 9.47 -26.67 19.20
N GLY B 25 9.76 -26.57 20.49
CA GLY B 25 11.03 -27.06 21.00
C GLY B 25 12.09 -26.02 21.27
N HIS B 26 11.76 -24.74 21.16
CA HIS B 26 12.72 -23.67 21.39
C HIS B 26 12.82 -23.35 22.88
N THR B 27 13.95 -22.78 23.28
CA THR B 27 14.15 -22.36 24.66
C THR B 27 13.60 -20.94 24.58
N VAL B 28 12.61 -20.61 25.40
CA VAL B 28 12.03 -19.29 25.32
C VAL B 28 12.24 -18.38 26.53
N ALA B 29 13.19 -17.46 26.40
CA ALA B 29 13.49 -16.48 27.46
C ALA B 29 12.42 -15.39 27.32
N CYS B 30 11.79 -15.04 28.44
CA CYS B 30 10.72 -14.06 28.44
C CYS B 30 10.99 -12.82 29.29
N HIS B 31 10.62 -11.67 28.74
CA HIS B 31 10.77 -10.40 29.42
C HIS B 31 9.40 -9.82 29.72
N ASP B 32 9.31 -9.05 30.79
CA ASP B 32 8.05 -8.39 31.16
C ASP B 32 8.40 -7.42 32.26
N GLU B 33 7.73 -6.28 32.25
CA GLU B 33 7.99 -5.26 33.25
C GLU B 33 7.82 -5.81 34.66
N SER B 34 6.86 -6.70 34.85
CA SER B 34 6.59 -7.26 36.17
C SER B 34 7.74 -8.12 36.71
N PHE B 35 8.52 -8.72 35.81
CA PHE B 35 9.62 -9.58 36.22
C PHE B 35 10.71 -8.81 36.98
N LYS B 36 10.55 -7.49 37.07
CA LYS B 36 11.49 -6.66 37.82
C LYS B 36 11.37 -7.15 39.25
N GLN B 37 10.15 -7.53 39.63
CA GLN B 37 9.87 -8.02 40.97
C GLN B 37 10.09 -9.52 41.05
N LYS B 38 10.84 -9.95 42.07
CA LYS B 38 11.16 -11.37 42.24
C LYS B 38 9.91 -12.25 42.35
N ASP B 39 8.95 -11.78 43.15
CA ASP B 39 7.70 -12.49 43.38
C ASP B 39 6.95 -12.78 42.07
N GLU B 40 6.91 -11.80 41.19
CA GLU B 40 6.23 -11.93 39.91
C GLU B 40 6.95 -12.91 38.98
N LEU B 41 8.27 -12.80 38.92
CA LEU B 41 9.06 -13.69 38.05
C LEU B 41 8.88 -15.15 38.45
N GLU B 42 8.95 -15.41 39.76
CA GLU B 42 8.82 -16.77 40.25
C GLU B 42 7.41 -17.34 40.06
N ALA B 43 6.38 -16.51 40.27
CA ALA B 43 5.02 -16.97 40.10
C ALA B 43 4.81 -17.38 38.64
N PHE B 44 5.43 -16.63 37.74
CA PHE B 44 5.33 -16.91 36.31
C PHE B 44 6.04 -18.20 35.94
N ALA B 45 7.24 -18.39 36.49
CA ALA B 45 8.04 -19.58 36.20
C ALA B 45 7.36 -20.86 36.71
N GLU B 46 6.61 -20.74 37.79
CA GLU B 46 5.92 -21.88 38.37
C GLU B 46 4.73 -22.26 37.51
N THR B 47 4.02 -21.25 37.02
CA THR B 47 2.86 -21.47 36.18
C THR B 47 3.24 -21.97 34.79
N TYR B 48 4.31 -21.41 34.22
CA TYR B 48 4.78 -21.80 32.90
C TYR B 48 6.23 -22.29 33.00
N PRO B 49 6.42 -23.48 33.57
CA PRO B 49 7.73 -24.09 33.75
C PRO B 49 8.53 -24.27 32.47
N GLN B 50 7.84 -24.27 31.33
CA GLN B 50 8.53 -24.44 30.05
C GLN B 50 9.18 -23.15 29.58
N LEU B 51 8.76 -22.04 30.18
CA LEU B 51 9.29 -20.71 29.83
C LEU B 51 10.41 -20.28 30.77
N LYS B 52 11.26 -19.37 30.30
CA LYS B 52 12.38 -18.89 31.12
C LYS B 52 12.29 -17.38 31.37
N PRO B 53 11.54 -16.97 32.40
CA PRO B 53 11.44 -15.53 32.68
C PRO B 53 12.78 -14.92 33.05
N MET B 54 13.05 -13.73 32.53
CA MET B 54 14.30 -13.01 32.79
C MET B 54 13.96 -11.77 33.63
N SER B 55 14.88 -11.32 34.47
CA SER B 55 14.63 -10.14 35.27
C SER B 55 15.00 -8.87 34.51
N GLU B 56 15.95 -9.00 33.60
CA GLU B 56 16.43 -7.86 32.82
C GLU B 56 15.33 -7.06 32.13
N GLN B 57 15.44 -5.74 32.18
CA GLN B 57 14.45 -4.86 31.59
C GLN B 57 14.92 -4.12 30.35
N GLU B 58 16.18 -3.69 30.34
CA GLU B 58 16.73 -2.96 29.21
C GLU B 58 17.19 -3.86 28.06
N PRO B 59 17.15 -3.33 26.83
CA PRO B 59 17.55 -4.05 25.62
C PRO B 59 18.89 -4.75 25.68
N ALA B 60 19.94 -3.97 25.92
CA ALA B 60 21.31 -4.50 25.97
C ALA B 60 21.50 -5.54 27.06
N GLU B 61 21.02 -5.25 28.27
CA GLU B 61 21.20 -6.22 29.35
C GLU B 61 20.40 -7.49 29.10
N LEU B 62 19.22 -7.34 28.50
CA LEU B 62 18.36 -8.49 28.23
C LEU B 62 19.01 -9.42 27.21
N ILE B 63 19.46 -8.85 26.09
CA ILE B 63 20.13 -9.63 25.05
C ILE B 63 21.39 -10.29 25.62
N GLU B 64 22.12 -9.56 26.45
CA GLU B 64 23.33 -10.08 27.05
C GLU B 64 23.07 -11.23 28.01
N ALA B 65 22.05 -11.07 28.86
CA ALA B 65 21.70 -12.10 29.84
C ALA B 65 21.23 -13.39 29.18
N VAL B 66 20.42 -13.27 28.13
CA VAL B 66 19.93 -14.46 27.45
C VAL B 66 21.10 -15.16 26.77
N THR B 67 21.96 -14.37 26.13
CA THR B 67 23.13 -14.90 25.43
C THR B 67 24.03 -15.64 26.42
N SER B 68 24.21 -15.07 27.60
CA SER B 68 25.07 -15.71 28.61
C SER B 68 24.42 -16.99 29.16
N ALA B 69 23.12 -16.92 29.41
CA ALA B 69 22.41 -18.06 29.94
C ALA B 69 22.20 -19.21 28.96
N TYR B 70 21.74 -18.89 27.76
CA TYR B 70 21.45 -19.93 26.77
C TYR B 70 22.36 -20.03 25.56
N GLY B 71 23.41 -19.22 25.54
CA GLY B 71 24.37 -19.30 24.45
C GLY B 71 24.29 -18.23 23.38
N GLN B 72 23.09 -17.96 22.89
CA GLN B 72 22.90 -16.97 21.84
C GLN B 72 21.41 -16.69 21.66
N VAL B 73 21.09 -15.61 20.96
CA VAL B 73 19.69 -15.26 20.68
C VAL B 73 19.44 -15.52 19.21
N ASP B 74 18.69 -16.58 18.91
CA ASP B 74 18.41 -16.93 17.52
C ASP B 74 17.16 -16.22 17.02
N VAL B 75 16.17 -16.09 17.89
CA VAL B 75 14.93 -15.46 17.49
C VAL B 75 14.55 -14.34 18.44
N LEU B 76 14.17 -13.19 17.87
CA LEU B 76 13.75 -12.06 18.66
C LEU B 76 12.31 -11.73 18.30
N VAL B 77 11.42 -11.82 19.28
CA VAL B 77 10.03 -11.47 19.07
C VAL B 77 9.78 -10.22 19.91
N SER B 78 9.85 -9.06 19.27
CA SER B 78 9.64 -7.81 19.96
C SER B 78 8.14 -7.56 19.98
N ASN B 79 7.51 -7.97 21.08
CA ASN B 79 6.07 -7.84 21.27
C ASN B 79 5.87 -6.52 22.02
N ASP B 80 5.82 -5.43 21.26
CA ASP B 80 5.70 -4.10 21.84
C ASP B 80 4.29 -3.62 22.17
N ILE B 81 4.20 -2.94 23.31
CA ILE B 81 2.92 -2.44 23.77
C ILE B 81 3.01 -1.01 24.29
N PHE B 82 1.84 -0.37 24.37
CA PHE B 82 1.73 0.98 24.88
C PHE B 82 0.27 1.14 25.29
N ALA B 83 0.03 2.01 26.27
CA ALA B 83 -1.33 2.25 26.76
C ALA B 83 -1.75 3.66 26.34
N PRO B 84 -2.24 3.81 25.10
CA PRO B 84 -2.66 5.11 24.59
C PRO B 84 -4.06 5.52 25.02
N GLU B 85 -4.31 6.82 24.93
CA GLU B 85 -5.62 7.38 25.24
C GLU B 85 -6.12 7.89 23.90
N PHE B 86 -7.44 7.85 23.69
CA PHE B 86 -8.01 8.39 22.47
C PHE B 86 -8.18 9.86 22.77
N GLN B 87 -7.56 10.72 21.97
CA GLN B 87 -7.67 12.15 22.20
C GLN B 87 -7.57 12.90 20.90
N PRO B 88 -8.23 14.05 20.80
CA PRO B 88 -8.20 14.90 19.60
C PRO B 88 -6.74 15.36 19.59
N ILE B 89 -6.18 15.61 18.42
CA ILE B 89 -4.78 16.02 18.33
C ILE B 89 -4.39 17.17 19.28
N ASP B 90 -5.26 18.16 19.44
CA ASP B 90 -4.94 19.28 20.31
C ASP B 90 -5.08 19.01 21.81
N LYS B 91 -5.69 17.89 22.18
CA LYS B 91 -5.83 17.57 23.60
C LYS B 91 -4.69 16.68 24.10
N TYR B 92 -3.87 16.18 23.19
CA TYR B 92 -2.72 15.36 23.56
C TYR B 92 -1.63 16.32 24.04
N ALA B 93 -0.67 15.79 24.78
CA ALA B 93 0.49 16.55 25.23
C ALA B 93 1.56 16.02 24.28
N VAL B 94 2.54 16.83 23.90
CA VAL B 94 3.56 16.35 22.99
C VAL B 94 4.26 15.14 23.62
N GLU B 95 4.35 15.14 24.95
CA GLU B 95 4.98 14.04 25.67
C GLU B 95 4.23 12.72 25.41
N ASP B 96 2.93 12.83 25.15
CA ASP B 96 2.10 11.65 24.88
C ASP B 96 2.56 10.93 23.62
N TYR B 97 3.05 11.70 22.64
CA TYR B 97 3.54 11.11 21.41
C TYR B 97 4.95 10.58 21.65
N ARG B 98 5.76 11.31 22.40
CA ARG B 98 7.12 10.86 22.69
C ARG B 98 7.06 9.50 23.39
N GLY B 99 6.11 9.37 24.32
CA GLY B 99 5.94 8.11 25.05
C GLY B 99 5.51 6.98 24.13
N ALA B 100 4.64 7.29 23.17
CA ALA B 100 4.16 6.27 22.24
C ALA B 100 5.30 5.83 21.33
N VAL B 101 6.08 6.78 20.85
CA VAL B 101 7.20 6.43 19.97
C VAL B 101 8.30 5.67 20.71
N GLU B 102 8.58 6.05 21.94
CA GLU B 102 9.61 5.39 22.74
C GLU B 102 9.26 3.92 22.95
N ALA B 103 7.99 3.66 23.19
CA ALA B 103 7.51 2.30 23.45
C ALA B 103 7.30 1.43 22.23
N LEU B 104 6.83 2.03 21.15
CA LEU B 104 6.53 1.29 19.93
C LEU B 104 7.56 1.34 18.81
N GLN B 105 8.46 2.32 18.83
CA GLN B 105 9.50 2.44 17.82
C GLN B 105 10.91 2.34 18.36
N ILE B 106 11.21 3.12 19.38
CA ILE B 106 12.55 3.11 19.96
C ILE B 106 12.91 1.76 20.56
N ARG B 107 11.98 1.14 21.28
CA ARG B 107 12.27 -0.15 21.90
C ARG B 107 12.66 -1.25 20.90
N PRO B 108 11.80 -1.54 19.90
CA PRO B 108 12.22 -2.58 18.95
C PRO B 108 13.56 -2.23 18.30
N PHE B 109 13.72 -0.97 17.90
CA PHE B 109 14.98 -0.55 17.28
C PHE B 109 16.16 -0.86 18.20
N ALA B 110 15.99 -0.58 19.50
CA ALA B 110 17.05 -0.82 20.48
C ALA B 110 17.35 -2.31 20.65
N LEU B 111 16.32 -3.13 20.60
CA LEU B 111 16.52 -4.57 20.74
C LEU B 111 17.29 -5.12 19.53
N VAL B 112 16.93 -4.66 18.34
CA VAL B 112 17.62 -5.12 17.13
C VAL B 112 19.04 -4.59 17.15
N ASN B 113 19.19 -3.32 17.54
CA ASN B 113 20.48 -2.66 17.63
C ASN B 113 21.43 -3.47 18.52
N ALA B 114 20.87 -4.10 19.55
CA ALA B 114 21.67 -4.88 20.50
C ALA B 114 21.97 -6.32 20.10
N VAL B 115 21.10 -6.94 19.31
CA VAL B 115 21.30 -8.34 18.92
C VAL B 115 21.82 -8.57 17.49
N ALA B 116 21.67 -7.56 16.64
CA ALA B 116 22.07 -7.66 15.24
C ALA B 116 23.47 -8.19 14.99
N SER B 117 24.44 -7.63 15.70
CA SER B 117 25.82 -8.06 15.49
C SER B 117 26.06 -9.56 15.66
N GLN B 118 25.51 -10.17 16.70
CA GLN B 118 25.74 -11.60 16.88
C GLN B 118 25.06 -12.44 15.81
N MET B 119 23.89 -12.00 15.35
CA MET B 119 23.17 -12.75 14.32
C MET B 119 23.94 -12.60 13.00
N LYS B 120 24.42 -11.38 12.74
CA LYS B 120 25.15 -11.14 11.50
C LYS B 120 26.44 -11.94 11.44
N LYS B 121 27.13 -12.04 12.57
CA LYS B 121 28.41 -12.78 12.61
C LYS B 121 28.26 -14.22 12.15
N ARG B 122 27.23 -14.90 12.63
CA ARG B 122 27.00 -16.30 12.28
C ARG B 122 26.04 -16.45 11.10
N LYS B 123 25.63 -15.32 10.53
CA LYS B 123 24.69 -15.33 9.41
C LYS B 123 23.44 -16.19 9.64
N SER B 124 22.78 -15.98 10.77
CA SER B 124 21.55 -16.72 11.05
C SER B 124 20.76 -16.02 12.13
N GLY B 125 19.44 -16.03 12.01
CA GLY B 125 18.59 -15.41 12.98
C GLY B 125 17.27 -14.96 12.37
N HIS B 126 16.28 -14.74 13.22
CA HIS B 126 14.97 -14.27 12.78
C HIS B 126 14.51 -13.14 13.68
N ILE B 127 14.03 -12.06 13.07
CA ILE B 127 13.53 -10.93 13.83
C ILE B 127 12.05 -10.70 13.47
N ILE B 128 11.21 -10.67 14.51
CA ILE B 128 9.77 -10.50 14.32
C ILE B 128 9.24 -9.39 15.22
N PHE B 129 8.61 -8.36 14.62
CA PHE B 129 8.00 -7.28 15.40
C PHE B 129 6.49 -7.53 15.47
N ILE B 130 5.90 -7.41 16.65
CA ILE B 130 4.44 -7.53 16.75
C ILE B 130 4.04 -6.06 16.78
N THR B 131 3.43 -5.59 15.70
CA THR B 131 3.05 -4.20 15.60
C THR B 131 1.54 -3.97 15.70
N SER B 132 0.92 -3.52 14.62
CA SER B 132 -0.51 -3.27 14.62
C SER B 132 -1.03 -3.12 13.19
N ALA B 133 -2.32 -3.38 13.03
CA ALA B 133 -2.96 -3.26 11.71
C ALA B 133 -3.62 -1.90 11.59
N THR B 134 -3.66 -1.16 12.69
CA THR B 134 -4.28 0.17 12.69
C THR B 134 -3.80 1.10 11.58
N PRO B 135 -2.50 1.05 11.23
CA PRO B 135 -2.03 1.93 10.16
C PRO B 135 -2.79 1.70 8.85
N PHE B 136 -3.23 0.46 8.66
CA PHE B 136 -3.95 0.04 7.46
C PHE B 136 -5.39 0.58 7.45
N GLY B 137 -5.91 0.91 8.62
CA GLY B 137 -7.27 1.45 8.71
C GLY B 137 -7.44 2.22 10.00
N PRO B 138 -6.86 3.43 10.08
CA PRO B 138 -6.89 4.33 11.23
C PRO B 138 -8.27 4.76 11.72
N TRP B 139 -8.42 4.84 13.04
CA TRP B 139 -9.66 5.33 13.65
C TRP B 139 -9.35 6.78 13.91
N LYS B 140 -10.37 7.59 14.17
CA LYS B 140 -10.11 9.00 14.49
C LYS B 140 -9.63 9.05 15.93
N GLU B 141 -8.83 10.07 16.24
CA GLU B 141 -8.34 10.30 17.61
C GLU B 141 -7.41 9.29 18.26
N LEU B 142 -6.58 8.63 17.47
CA LEU B 142 -5.59 7.68 17.99
C LEU B 142 -4.33 7.92 17.16
N SER B 143 -4.10 9.18 16.81
CA SER B 143 -2.96 9.56 15.98
C SER B 143 -1.58 9.21 16.51
N THR B 144 -1.39 9.28 17.82
CA THR B 144 -0.09 8.97 18.41
C THR B 144 0.28 7.50 18.25
N TYR B 145 -0.60 6.63 18.73
CA TYR B 145 -0.40 5.18 18.68
C TYR B 145 -0.31 4.64 17.25
N THR B 146 -1.28 5.00 16.42
CA THR B 146 -1.31 4.54 15.04
C THR B 146 -0.07 4.93 14.22
N SER B 147 0.34 6.19 14.28
CA SER B 147 1.50 6.60 13.50
C SER B 147 2.77 5.91 14.00
N ALA B 148 2.92 5.80 15.31
CA ALA B 148 4.09 5.14 15.90
C ALA B 148 4.16 3.71 15.39
N ARG B 149 3.03 3.01 15.43
CA ARG B 149 2.99 1.63 14.95
C ARG B 149 3.41 1.54 13.49
N ALA B 150 3.06 2.55 12.71
CA ALA B 150 3.44 2.57 11.29
C ALA B 150 4.96 2.66 11.21
N GLY B 151 5.56 3.47 12.07
CA GLY B 151 7.00 3.61 12.06
C GLY B 151 7.67 2.26 12.29
N ALA B 152 7.05 1.46 13.15
CA ALA B 152 7.56 0.12 13.47
C ALA B 152 7.45 -0.83 12.29
N CYS B 153 6.31 -0.80 11.60
CA CYS B 153 6.13 -1.67 10.45
C CYS B 153 7.22 -1.36 9.41
N THR B 154 7.40 -0.09 9.09
CA THR B 154 8.40 0.32 8.11
C THR B 154 9.82 -0.03 8.57
N LEU B 155 10.05 0.08 9.88
CA LEU B 155 11.37 -0.24 10.44
C LEU B 155 11.70 -1.69 10.11
N ALA B 156 10.73 -2.58 10.33
CA ALA B 156 10.94 -4.00 10.04
C ALA B 156 11.23 -4.19 8.55
N ASN B 157 10.42 -3.60 7.70
CA ASN B 157 10.61 -3.73 6.26
C ASN B 157 11.98 -3.21 5.83
N ALA B 158 12.35 -2.03 6.33
CA ALA B 158 13.64 -1.45 5.98
C ALA B 158 14.76 -2.36 6.47
N LEU B 159 14.64 -2.85 7.69
CA LEU B 159 15.67 -3.74 8.24
C LEU B 159 15.87 -5.00 7.41
N SER B 160 14.80 -5.51 6.79
CA SER B 160 14.90 -6.73 6.00
C SER B 160 15.85 -6.55 4.83
N LYS B 161 15.91 -5.31 4.33
CA LYS B 161 16.77 -4.98 3.19
C LYS B 161 18.27 -5.13 3.47
N GLU B 162 18.69 -4.74 4.68
CA GLU B 162 20.11 -4.85 5.02
C GLU B 162 20.47 -6.18 5.66
N LEU B 163 19.56 -6.74 6.45
CA LEU B 163 19.84 -8.02 7.11
C LEU B 163 19.74 -9.25 6.21
N GLY B 164 19.05 -9.11 5.09
CA GLY B 164 18.93 -10.23 4.16
C GLY B 164 20.29 -10.75 3.71
N GLU B 165 21.23 -9.85 3.49
CA GLU B 165 22.57 -10.23 3.07
C GLU B 165 23.23 -11.17 4.10
N TYR B 166 22.72 -11.12 5.34
CA TYR B 166 23.26 -11.95 6.40
C TYR B 166 22.35 -13.12 6.74
N ASN B 167 21.42 -13.42 5.83
CA ASN B 167 20.47 -14.53 6.00
C ASN B 167 19.57 -14.35 7.21
N ILE B 168 19.23 -13.10 7.51
CA ILE B 168 18.36 -12.80 8.66
C ILE B 168 17.02 -12.22 8.22
N PRO B 169 15.96 -13.04 8.19
CA PRO B 169 14.64 -12.55 7.78
C PRO B 169 14.09 -11.63 8.86
N VAL B 170 13.34 -10.61 8.45
CA VAL B 170 12.74 -9.66 9.38
C VAL B 170 11.26 -9.53 9.02
N PHE B 171 10.39 -9.68 10.02
CA PHE B 171 8.96 -9.59 9.78
C PHE B 171 8.24 -8.70 10.78
N ALA B 172 7.07 -8.23 10.37
CA ALA B 172 6.22 -7.41 11.22
C ALA B 172 4.82 -7.99 11.16
N ILE B 173 4.30 -8.40 12.30
CA ILE B 173 2.96 -8.96 12.41
C ILE B 173 2.09 -7.87 13.01
N GLY B 174 1.16 -7.32 12.21
CA GLY B 174 0.28 -6.26 12.69
C GLY B 174 -1.09 -6.82 13.00
N PRO B 175 -1.40 -7.04 14.28
CA PRO B 175 -2.73 -7.58 14.60
C PRO B 175 -3.76 -6.52 14.94
N ASN B 176 -5.02 -6.97 14.99
CA ASN B 176 -6.13 -6.15 15.43
C ASN B 176 -7.23 -7.14 15.78
N TYR B 177 -8.00 -6.80 16.80
CA TYR B 177 -9.05 -7.68 17.27
C TYR B 177 -8.48 -9.05 17.63
N LEU B 178 -7.26 -9.06 18.13
CA LEU B 178 -6.61 -10.29 18.58
C LEU B 178 -6.91 -10.47 20.06
N HIS B 179 -7.64 -11.52 20.39
CA HIS B 179 -8.00 -11.84 21.77
C HIS B 179 -6.73 -11.82 22.64
N SER B 180 -6.76 -11.10 23.76
CA SER B 180 -5.58 -11.02 24.64
C SER B 180 -5.82 -11.69 25.98
N GLU B 181 -6.95 -12.37 26.10
CA GLU B 181 -7.35 -13.09 27.31
C GLU B 181 -7.40 -12.26 28.58
N ASP B 182 -6.46 -12.48 29.50
CA ASP B 182 -6.51 -11.71 30.74
C ASP B 182 -5.74 -10.40 30.67
N SER B 183 -5.01 -10.21 29.56
CA SER B 183 -4.25 -8.98 29.38
C SER B 183 -5.16 -7.88 28.83
N PRO B 184 -5.08 -6.68 29.42
CA PRO B 184 -5.91 -5.57 28.95
C PRO B 184 -5.36 -5.00 27.65
N TYR B 185 -4.18 -5.49 27.26
CA TYR B 185 -3.63 -4.93 26.06
C TYR B 185 -4.38 -5.27 24.81
N PHE B 186 -5.36 -4.40 24.63
CA PHE B 186 -6.26 -4.32 23.51
C PHE B 186 -7.52 -5.19 23.50
N TYR B 187 -7.46 -6.51 23.62
CA TYR B 187 -8.72 -7.27 23.60
C TYR B 187 -8.93 -8.38 24.62
N PRO B 188 -9.07 -8.02 25.91
CA PRO B 188 -9.27 -9.02 26.96
C PRO B 188 -10.61 -9.73 26.82
N THR B 189 -10.70 -10.93 27.37
CA THR B 189 -11.93 -11.72 27.32
C THR B 189 -13.12 -10.87 27.76
N GLU B 190 -12.93 -10.12 28.84
CA GLU B 190 -13.96 -9.23 29.34
C GLU B 190 -13.55 -7.84 28.87
N PRO B 191 -14.43 -7.15 28.11
CA PRO B 191 -15.77 -7.52 27.66
C PRO B 191 -15.90 -8.07 26.24
N TRP B 192 -14.78 -8.22 25.53
CA TRP B 192 -14.84 -8.65 24.13
C TRP B 192 -15.52 -9.96 23.75
N LYS B 193 -15.62 -10.90 24.68
CA LYS B 193 -16.27 -12.17 24.42
C LYS B 193 -17.48 -12.34 25.31
N THR B 194 -17.69 -11.37 26.20
CA THR B 194 -18.79 -11.45 27.15
C THR B 194 -19.90 -10.43 27.03
N ASN B 195 -19.60 -9.22 26.56
CA ASN B 195 -20.65 -8.20 26.42
C ASN B 195 -21.25 -8.17 25.02
N PRO B 196 -22.59 -8.25 24.92
CA PRO B 196 -23.29 -8.23 23.63
C PRO B 196 -22.86 -7.18 22.61
N GLU B 197 -22.73 -5.92 23.02
CA GLU B 197 -22.31 -4.88 22.08
C GLU B 197 -20.91 -5.09 21.54
N HIS B 198 -20.02 -5.58 22.40
CA HIS B 198 -18.64 -5.82 21.96
C HIS B 198 -18.58 -7.01 21.03
N VAL B 199 -19.33 -8.05 21.37
CA VAL B 199 -19.36 -9.24 20.52
C VAL B 199 -19.91 -8.85 19.16
N ALA B 200 -21.02 -8.12 19.16
CA ALA B 200 -21.66 -7.69 17.92
C ALA B 200 -20.76 -6.75 17.13
N HIS B 201 -19.94 -5.95 17.82
CA HIS B 201 -19.02 -5.03 17.14
C HIS B 201 -18.00 -5.84 16.35
N VAL B 202 -17.42 -6.85 16.99
CA VAL B 202 -16.42 -7.70 16.34
C VAL B 202 -17.05 -8.43 15.15
N LYS B 203 -18.28 -8.90 15.32
CA LYS B 203 -18.93 -9.61 14.23
C LYS B 203 -19.16 -8.65 13.06
N LYS B 204 -19.26 -7.35 13.35
CA LYS B 204 -19.51 -6.38 12.29
C LYS B 204 -18.30 -5.89 11.48
N VAL B 205 -17.21 -5.58 12.16
CA VAL B 205 -16.03 -5.03 11.52
C VAL B 205 -14.96 -6.01 11.00
N THR B 206 -15.03 -7.28 11.39
CA THR B 206 -14.06 -8.26 10.89
C THR B 206 -14.78 -9.17 9.90
N ALA B 207 -14.05 -9.64 8.88
CA ALA B 207 -14.64 -10.52 7.88
C ALA B 207 -15.01 -11.88 8.46
N LEU B 208 -14.14 -12.41 9.32
CA LEU B 208 -14.37 -13.71 9.95
C LEU B 208 -15.38 -13.62 11.08
N GLN B 209 -15.78 -12.41 11.42
CA GLN B 209 -16.77 -12.14 12.47
C GLN B 209 -16.42 -12.79 13.81
N ARG B 210 -15.18 -12.63 14.23
CA ARG B 210 -14.71 -13.18 15.50
C ARG B 210 -13.35 -12.60 15.82
N LEU B 211 -12.93 -12.72 17.07
CA LEU B 211 -11.61 -12.23 17.47
C LEU B 211 -10.58 -13.24 16.97
N GLY B 212 -9.34 -12.78 16.80
CA GLY B 212 -8.29 -13.69 16.40
C GLY B 212 -7.83 -14.36 17.68
N THR B 213 -7.21 -15.53 17.58
CA THR B 213 -6.77 -16.23 18.77
C THR B 213 -5.27 -16.13 19.01
N GLN B 214 -4.85 -16.29 20.25
CA GLN B 214 -3.43 -16.25 20.55
C GLN B 214 -2.81 -17.44 19.82
N LYS B 215 -3.58 -18.53 19.69
CA LYS B 215 -3.07 -19.71 19.00
C LYS B 215 -2.69 -19.37 17.55
N GLU B 216 -3.57 -18.67 16.85
CA GLU B 216 -3.27 -18.29 15.46
C GLU B 216 -2.00 -17.42 15.41
N LEU B 217 -1.88 -16.46 16.32
CA LEU B 217 -0.71 -15.59 16.35
C LEU B 217 0.55 -16.43 16.62
N GLY B 218 0.50 -17.27 17.64
CA GLY B 218 1.65 -18.10 17.95
C GLY B 218 2.05 -19.00 16.79
N GLU B 219 1.07 -19.58 16.11
CA GLU B 219 1.33 -20.47 14.98
C GLU B 219 2.11 -19.72 13.89
N LEU B 220 1.74 -18.47 13.66
CA LEU B 220 2.41 -17.68 12.65
C LEU B 220 3.83 -17.37 13.11
N VAL B 221 3.97 -16.97 14.37
CA VAL B 221 5.28 -16.67 14.92
C VAL B 221 6.20 -17.89 14.86
N ALA B 222 5.66 -19.05 15.18
CA ALA B 222 6.47 -20.27 15.17
C ALA B 222 6.81 -20.67 13.73
N PHE B 223 5.86 -20.51 12.83
CA PHE B 223 6.08 -20.84 11.43
C PHE B 223 7.23 -20.02 10.89
N LEU B 224 7.16 -18.71 11.11
CA LEU B 224 8.20 -17.80 10.64
C LEU B 224 9.56 -18.06 11.26
N ALA B 225 9.57 -18.38 12.55
CA ALA B 225 10.82 -18.63 13.25
C ALA B 225 11.46 -19.97 12.91
N SER B 226 10.66 -20.89 12.37
CA SER B 226 11.16 -22.22 12.04
C SER B 226 12.13 -22.22 10.86
N GLY B 227 12.13 -21.14 10.09
CA GLY B 227 13.02 -21.07 8.95
C GLY B 227 12.43 -21.78 7.74
N SER B 228 11.14 -22.08 7.83
CA SER B 228 10.42 -22.77 6.76
C SER B 228 10.08 -21.86 5.57
N CYS B 229 10.01 -20.55 5.81
CA CYS B 229 9.66 -19.64 4.73
C CYS B 229 10.35 -18.28 4.83
N ASP B 230 11.67 -18.30 4.90
CA ASP B 230 12.46 -17.07 5.00
C ASP B 230 12.24 -16.09 3.85
N TYR B 231 11.79 -16.59 2.70
CA TYR B 231 11.58 -15.73 1.54
C TYR B 231 10.48 -14.68 1.70
N LEU B 232 9.79 -14.70 2.84
CA LEU B 232 8.74 -13.72 3.12
C LEU B 232 9.34 -12.52 3.84
N THR B 233 10.66 -12.53 3.99
CA THR B 233 11.31 -11.44 4.68
C THR B 233 10.84 -10.08 4.15
N GLY B 234 10.61 -9.15 5.08
CA GLY B 234 10.16 -7.81 4.73
C GLY B 234 8.64 -7.67 4.81
N GLN B 235 7.97 -8.81 4.92
CA GLN B 235 6.52 -8.84 4.98
C GLN B 235 5.89 -8.20 6.20
N VAL B 236 4.79 -7.49 5.97
CA VAL B 236 4.02 -6.91 7.05
C VAL B 236 2.74 -7.72 6.97
N PHE B 237 2.47 -8.51 8.01
CA PHE B 237 1.29 -9.34 8.07
C PHE B 237 0.14 -8.59 8.73
N TRP B 238 -1.04 -8.71 8.12
CA TRP B 238 -2.23 -8.07 8.65
C TRP B 238 -3.06 -9.16 9.30
N LEU B 239 -2.77 -9.42 10.56
CA LEU B 239 -3.49 -10.45 11.32
C LEU B 239 -4.71 -9.76 11.89
N ALA B 240 -5.73 -9.53 11.06
CA ALA B 240 -6.93 -8.85 11.52
C ALA B 240 -8.23 -9.46 11.05
N GLY B 241 -8.18 -10.72 10.63
CA GLY B 241 -9.37 -11.43 10.19
C GLY B 241 -10.24 -10.76 9.14
N GLY B 242 -9.64 -10.00 8.23
CA GLY B 242 -10.44 -9.36 7.21
C GLY B 242 -10.84 -7.93 7.51
N PHE B 243 -10.49 -7.46 8.70
CA PHE B 243 -10.79 -6.08 9.07
C PHE B 243 -9.99 -5.20 8.10
N PRO B 244 -10.57 -4.06 7.70
CA PRO B 244 -11.89 -3.61 8.12
C PRO B 244 -13.02 -3.96 7.14
N MET B 245 -14.22 -4.10 7.68
CA MET B 245 -15.40 -4.35 6.87
C MET B 245 -15.96 -2.94 6.73
N ILE B 246 -16.24 -2.51 5.51
CA ILE B 246 -16.72 -1.15 5.31
C ILE B 246 -18.22 -1.11 5.09
N GLU B 247 -18.85 -0.14 5.74
CA GLU B 247 -20.28 0.08 5.65
C GLU B 247 -20.69 0.28 4.20
N ARG B 248 -21.66 -0.50 3.74
CA ARG B 248 -22.14 -0.39 2.37
C ARG B 248 -23.33 0.55 2.22
N TRP B 249 -23.68 0.85 0.97
CA TRP B 249 -24.78 1.75 0.66
C TRP B 249 -26.07 1.35 1.38
N PRO B 250 -26.98 2.33 1.62
CA PRO B 250 -28.26 2.10 2.28
C PRO B 250 -29.04 1.01 1.55
N GLY B 251 -29.69 0.12 2.30
CA GLY B 251 -30.47 -0.93 1.68
C GLY B 251 -29.74 -2.27 1.59
N MET B 252 -28.43 -2.24 1.77
CA MET B 252 -27.64 -3.46 1.71
C MET B 252 -27.42 -3.97 3.14
N PRO B 253 -27.74 -5.25 3.40
CA PRO B 253 -27.58 -5.86 4.72
C PRO B 253 -26.14 -6.01 5.23
N SER C 2 -7.49 -33.23 4.08
CA SER C 2 -8.68 -32.82 3.28
C SER C 2 -8.38 -33.00 1.78
N THR C 3 -9.25 -32.46 0.93
CA THR C 3 -9.05 -32.56 -0.51
C THR C 3 -8.67 -31.20 -1.07
N ALA C 4 -7.59 -31.16 -1.83
CA ALA C 4 -7.11 -29.91 -2.41
C ALA C 4 -6.97 -30.01 -3.92
N ILE C 5 -7.03 -28.86 -4.59
CA ILE C 5 -6.86 -28.80 -6.03
C ILE C 5 -5.71 -27.83 -6.29
N VAL C 6 -4.75 -28.23 -7.11
CA VAL C 6 -3.64 -27.36 -7.47
C VAL C 6 -3.67 -27.35 -9.00
N THR C 7 -3.80 -26.16 -9.60
CA THR C 7 -3.85 -26.05 -11.05
C THR C 7 -2.47 -25.85 -11.67
N ASN C 8 -2.35 -26.08 -12.98
CA ASN C 8 -1.10 -25.94 -13.69
C ASN C 8 0.02 -26.49 -12.82
N VAL C 9 -0.21 -27.68 -12.27
CA VAL C 9 0.71 -28.32 -11.37
C VAL C 9 2.17 -28.41 -11.83
N LYS C 10 2.39 -28.51 -13.12
CA LYS C 10 3.75 -28.63 -13.63
C LYS C 10 4.54 -27.32 -13.69
N HIS C 11 3.88 -26.20 -13.41
CA HIS C 11 4.54 -24.91 -13.53
C HIS C 11 4.41 -23.95 -12.35
N PHE C 12 5.24 -22.92 -12.37
CA PHE C 12 5.20 -21.88 -11.36
C PHE C 12 5.18 -22.50 -9.94
N GLY C 13 4.17 -22.17 -9.14
CA GLY C 13 4.11 -22.71 -7.79
C GLY C 13 3.42 -24.07 -7.67
N GLY C 14 3.19 -24.72 -8.80
CA GLY C 14 2.48 -25.99 -8.80
C GLY C 14 3.06 -27.18 -8.05
N MET C 15 4.29 -27.57 -8.38
CA MET C 15 4.89 -28.74 -7.73
C MET C 15 5.15 -28.51 -6.24
N GLY C 16 5.67 -27.33 -5.90
CA GLY C 16 5.93 -27.03 -4.51
C GLY C 16 4.66 -27.13 -3.67
N SER C 17 3.56 -26.61 -4.21
CA SER C 17 2.28 -26.65 -3.49
C SER C 17 1.72 -28.07 -3.35
N ALA C 18 1.66 -28.78 -4.47
CA ALA C 18 1.12 -30.14 -4.48
C ALA C 18 1.92 -31.12 -3.64
N LEU C 19 3.23 -31.11 -3.81
CA LEU C 19 4.08 -32.01 -3.06
C LEU C 19 3.97 -31.80 -1.54
N ARG C 20 3.98 -30.54 -1.09
CA ARG C 20 3.89 -30.30 0.36
C ARG C 20 2.50 -30.58 0.93
N LEU C 21 1.47 -30.24 0.17
CA LEU C 21 0.09 -30.48 0.61
C LEU C 21 -0.07 -32.00 0.73
N SER C 22 0.49 -32.73 -0.23
CA SER C 22 0.43 -34.19 -0.24
C SER C 22 1.11 -34.76 1.00
N GLU C 23 2.27 -34.20 1.35
CA GLU C 23 3.00 -34.69 2.51
C GLU C 23 2.30 -34.33 3.81
N ALA C 24 1.37 -33.38 3.75
CA ALA C 24 0.61 -32.96 4.92
C ALA C 24 -0.60 -33.88 5.10
N GLY C 25 -0.74 -34.85 4.19
CA GLY C 25 -1.84 -35.80 4.29
C GLY C 25 -3.06 -35.50 3.44
N HIS C 26 -3.02 -34.44 2.64
CA HIS C 26 -4.16 -34.08 1.79
C HIS C 26 -4.21 -34.92 0.51
N THR C 27 -5.40 -35.02 -0.06
CA THR C 27 -5.59 -35.72 -1.32
C THR C 27 -5.47 -34.56 -2.31
N VAL C 28 -4.44 -34.57 -3.13
CA VAL C 28 -4.21 -33.46 -4.06
C VAL C 28 -4.57 -33.74 -5.51
N ALA C 29 -5.75 -33.29 -5.93
CA ALA C 29 -6.17 -33.46 -7.32
C ALA C 29 -5.38 -32.39 -8.07
N CYS C 30 -4.69 -32.79 -9.13
CA CYS C 30 -3.88 -31.85 -9.89
C CYS C 30 -4.33 -31.62 -11.32
N HIS C 31 -4.34 -30.36 -11.71
CA HIS C 31 -4.74 -30.00 -13.06
C HIS C 31 -3.54 -29.46 -13.83
N ASP C 32 -3.54 -29.71 -15.14
CA ASP C 32 -2.49 -29.18 -15.99
C ASP C 32 -2.95 -29.31 -17.44
N GLU C 33 -2.56 -28.35 -18.26
CA GLU C 33 -2.95 -28.37 -19.65
C GLU C 33 -2.57 -29.67 -20.33
N SER C 34 -1.42 -30.23 -19.97
CA SER C 34 -0.94 -31.46 -20.59
C SER C 34 -1.77 -32.70 -20.26
N PHE C 35 -2.48 -32.67 -19.14
CA PHE C 35 -3.30 -33.81 -18.72
C PHE C 35 -4.47 -34.09 -19.67
N LYS C 36 -4.60 -33.25 -20.69
CA LYS C 36 -5.65 -33.41 -21.69
C LYS C 36 -5.33 -34.71 -22.43
N GLN C 37 -4.04 -35.02 -22.50
CA GLN C 37 -3.57 -36.24 -23.13
C GLN C 37 -3.38 -37.33 -22.08
N LYS C 38 -3.95 -38.49 -22.35
CA LYS C 38 -3.86 -39.63 -21.45
C LYS C 38 -2.40 -39.97 -21.17
N ASP C 39 -1.58 -40.00 -22.23
CA ASP C 39 -0.17 -40.32 -22.06
C ASP C 39 0.47 -39.42 -20.99
N GLU C 40 0.26 -38.12 -21.11
CA GLU C 40 0.82 -37.15 -20.18
C GLU C 40 0.30 -37.31 -18.76
N LEU C 41 -0.99 -37.59 -18.62
CA LEU C 41 -1.59 -37.79 -17.29
C LEU C 41 -1.05 -39.06 -16.66
N GLU C 42 -0.97 -40.12 -17.47
CA GLU C 42 -0.46 -41.40 -17.00
C GLU C 42 0.99 -41.29 -16.55
N ALA C 43 1.81 -40.58 -17.32
CA ALA C 43 3.22 -40.40 -16.98
C ALA C 43 3.37 -39.72 -15.63
N PHE C 44 2.62 -38.64 -15.44
CA PHE C 44 2.67 -37.88 -14.19
C PHE C 44 2.19 -38.74 -13.02
N ALA C 45 1.12 -39.50 -13.23
CA ALA C 45 0.56 -40.37 -12.18
C ALA C 45 1.56 -41.42 -11.70
N GLU C 46 2.30 -42.00 -12.64
CA GLU C 46 3.28 -43.02 -12.32
C GLU C 46 4.46 -42.41 -11.57
N THR C 47 4.85 -41.20 -11.98
CA THR C 47 5.96 -40.51 -11.35
C THR C 47 5.61 -40.04 -9.94
N TYR C 48 4.38 -39.54 -9.78
CA TYR C 48 3.94 -39.05 -8.48
C TYR C 48 2.68 -39.75 -7.99
N PRO C 49 2.83 -40.97 -7.46
CA PRO C 49 1.68 -41.72 -6.97
C PRO C 49 1.00 -41.08 -5.76
N GLN C 50 1.68 -40.13 -5.11
CA GLN C 50 1.11 -39.45 -3.96
C GLN C 50 0.24 -38.28 -4.42
N LEU C 51 0.10 -38.13 -5.73
CA LEU C 51 -0.70 -37.06 -6.34
C LEU C 51 -1.80 -37.66 -7.20
N LYS C 52 -2.88 -36.91 -7.40
CA LYS C 52 -4.01 -37.37 -8.21
C LYS C 52 -4.29 -36.47 -9.41
N PRO C 53 -3.60 -36.71 -10.54
CA PRO C 53 -3.80 -35.91 -11.75
C PRO C 53 -5.19 -36.12 -12.36
N MET C 54 -5.80 -35.02 -12.81
CA MET C 54 -7.13 -35.06 -13.41
C MET C 54 -7.02 -34.57 -14.86
N SER C 55 -7.89 -35.06 -15.74
CA SER C 55 -7.83 -34.64 -17.14
C SER C 55 -8.67 -33.40 -17.44
N GLU C 56 -9.63 -33.11 -16.57
CA GLU C 56 -10.52 -31.97 -16.78
C GLU C 56 -9.77 -30.64 -16.92
N GLN C 57 -10.18 -29.83 -17.88
CA GLN C 57 -9.54 -28.55 -18.13
C GLN C 57 -10.29 -27.32 -17.66
N GLU C 58 -11.61 -27.33 -17.82
CA GLU C 58 -12.43 -26.20 -17.43
C GLU C 58 -12.76 -26.14 -15.94
N PRO C 59 -13.00 -24.92 -15.42
CA PRO C 59 -13.33 -24.65 -14.02
C PRO C 59 -14.45 -25.50 -13.44
N ALA C 60 -15.66 -25.35 -13.98
CA ALA C 60 -16.81 -26.10 -13.49
C ALA C 60 -16.59 -27.60 -13.64
N GLU C 61 -16.11 -27.99 -14.79
CA GLU C 61 -15.83 -29.39 -15.08
C GLU C 61 -14.89 -29.99 -14.04
N LEU C 62 -13.79 -29.29 -13.77
CA LEU C 62 -12.77 -29.73 -12.82
C LEU C 62 -13.26 -29.82 -11.37
N ILE C 63 -13.97 -28.79 -10.92
CA ILE C 63 -14.48 -28.78 -9.55
C ILE C 63 -15.44 -29.96 -9.36
N GLU C 64 -16.27 -30.22 -10.37
CA GLU C 64 -17.23 -31.31 -10.29
C GLU C 64 -16.57 -32.69 -10.28
N ALA C 65 -15.55 -32.86 -11.10
CA ALA C 65 -14.85 -34.15 -11.16
C ALA C 65 -14.12 -34.45 -9.86
N VAL C 66 -13.51 -33.43 -9.26
CA VAL C 66 -12.79 -33.64 -8.01
C VAL C 66 -13.80 -33.93 -6.91
N THR C 67 -14.91 -33.20 -6.91
CA THR C 67 -15.95 -33.40 -5.91
C THR C 67 -16.53 -34.81 -6.01
N SER C 68 -16.80 -35.27 -7.23
CA SER C 68 -17.36 -36.60 -7.43
C SER C 68 -16.38 -37.71 -7.10
N ALA C 69 -15.11 -37.48 -7.41
CA ALA C 69 -14.09 -38.49 -7.14
C ALA C 69 -13.71 -38.60 -5.66
N TYR C 70 -13.53 -37.47 -4.99
CA TYR C 70 -13.13 -37.49 -3.59
C TYR C 70 -14.13 -36.97 -2.58
N GLY C 71 -15.27 -36.48 -3.06
CA GLY C 71 -16.29 -36.02 -2.13
C GLY C 71 -16.55 -34.53 -2.07
N GLN C 72 -15.50 -33.73 -2.11
CA GLN C 72 -15.63 -32.29 -2.04
C GLN C 72 -14.27 -31.63 -2.26
N VAL C 73 -14.27 -30.31 -2.40
CA VAL C 73 -13.03 -29.57 -2.58
C VAL C 73 -12.89 -28.65 -1.37
N ASP C 74 -11.91 -28.94 -0.51
CA ASP C 74 -11.70 -28.14 0.69
C ASP C 74 -10.72 -27.00 0.46
N VAL C 75 -9.71 -27.25 -0.37
CA VAL C 75 -8.71 -26.24 -0.64
C VAL C 75 -8.53 -26.04 -2.14
N LEU C 76 -8.54 -24.77 -2.55
CA LEU C 76 -8.34 -24.41 -3.94
C LEU C 76 -7.05 -23.62 -4.03
N VAL C 77 -6.11 -24.12 -4.82
CA VAL C 77 -4.85 -23.42 -5.03
C VAL C 77 -4.81 -23.03 -6.51
N SER C 78 -5.26 -21.82 -6.82
CA SER C 78 -5.26 -21.37 -8.21
C SER C 78 -3.87 -20.86 -8.53
N ASN C 79 -3.07 -21.74 -9.13
CA ASN C 79 -1.70 -21.45 -9.53
C ASN C 79 -1.78 -21.01 -10.99
N ASP C 80 -2.07 -19.74 -11.18
CA ASP C 80 -2.25 -19.21 -12.53
C ASP C 80 -0.99 -18.77 -13.23
N ILE C 81 -0.93 -19.09 -14.52
CA ILE C 81 0.23 -18.75 -15.33
C ILE C 81 -0.16 -18.15 -16.67
N PHE C 82 0.80 -17.45 -17.28
CA PHE C 82 0.62 -16.82 -18.58
C PHE C 82 2.01 -16.59 -19.16
N ALA C 83 2.12 -16.67 -20.48
CA ALA C 83 3.40 -16.47 -21.16
C ALA C 83 3.42 -15.08 -21.81
N PRO C 84 3.82 -14.05 -21.06
CA PRO C 84 3.86 -12.70 -21.60
C PRO C 84 5.16 -12.32 -22.32
N GLU C 85 5.09 -11.30 -23.15
CA GLU C 85 6.26 -10.80 -23.85
C GLU C 85 6.44 -9.40 -23.31
N PHE C 86 7.69 -8.96 -23.15
CA PHE C 86 7.95 -7.60 -22.69
C PHE C 86 7.73 -6.77 -23.94
N GLN C 87 6.94 -5.71 -23.84
CA GLN C 87 6.65 -4.92 -25.01
C GLN C 87 6.18 -3.52 -24.65
N PRO C 88 6.55 -2.50 -25.46
CA PRO C 88 6.13 -1.14 -25.21
C PRO C 88 4.61 -1.15 -25.37
N ILE C 89 3.90 -0.30 -24.63
CA ILE C 89 2.45 -0.26 -24.69
C ILE C 89 1.82 -0.20 -26.09
N ASP C 90 2.48 0.51 -27.01
CA ASP C 90 1.95 0.64 -28.36
C ASP C 90 2.25 -0.55 -29.28
N LYS C 91 3.18 -1.42 -28.88
CA LYS C 91 3.51 -2.57 -29.72
C LYS C 91 2.70 -3.82 -29.36
N TYR C 92 2.00 -3.77 -28.23
CA TYR C 92 1.15 -4.89 -27.83
C TYR C 92 -0.08 -4.80 -28.71
N ALA C 93 -0.85 -5.88 -28.75
CA ALA C 93 -2.10 -5.94 -29.48
C ALA C 93 -3.08 -5.91 -28.31
N VAL C 94 -4.27 -5.36 -28.49
CA VAL C 94 -5.20 -5.35 -27.36
C VAL C 94 -5.47 -6.80 -26.96
N GLU C 95 -5.45 -7.69 -27.94
CA GLU C 95 -5.69 -9.10 -27.70
C GLU C 95 -4.66 -9.64 -26.71
N ASP C 96 -3.46 -9.07 -26.72
CA ASP C 96 -2.42 -9.50 -25.80
C ASP C 96 -2.82 -9.26 -24.35
N TYR C 97 -3.53 -8.16 -24.10
CA TYR C 97 -3.97 -7.86 -22.75
C TYR C 97 -5.18 -8.72 -22.41
N ARG C 98 -6.06 -8.92 -23.39
CA ARG C 98 -7.24 -9.77 -23.14
C ARG C 98 -6.77 -11.17 -22.73
N GLY C 99 -5.73 -11.66 -23.39
CA GLY C 99 -5.18 -12.97 -23.07
C GLY C 99 -4.60 -13.03 -21.67
N ALA C 100 -3.88 -11.98 -21.28
CA ALA C 100 -3.28 -11.92 -19.95
C ALA C 100 -4.38 -11.90 -18.89
N VAL C 101 -5.41 -11.08 -19.10
CA VAL C 101 -6.50 -10.99 -18.14
C VAL C 101 -7.31 -12.29 -18.06
N GLU C 102 -7.49 -12.96 -19.20
CA GLU C 102 -8.24 -14.20 -19.20
C GLU C 102 -7.55 -15.26 -18.38
N ALA C 103 -6.23 -15.33 -18.50
CA ALA C 103 -5.46 -16.35 -17.78
C ALA C 103 -5.15 -16.04 -16.31
N LEU C 104 -4.98 -14.76 -15.99
CA LEU C 104 -4.62 -14.39 -14.63
C LEU C 104 -5.72 -13.80 -13.76
N GLN C 105 -6.86 -13.43 -14.36
CA GLN C 105 -7.97 -12.87 -13.59
C GLN C 105 -9.27 -13.66 -13.78
N ILE C 106 -9.64 -13.88 -15.04
CA ILE C 106 -10.87 -14.60 -15.32
C ILE C 106 -10.79 -16.05 -14.82
N ARG C 107 -9.66 -16.71 -15.04
CA ARG C 107 -9.51 -18.10 -14.60
C ARG C 107 -9.65 -18.26 -13.08
N PRO C 108 -8.88 -17.52 -12.28
CA PRO C 108 -9.07 -17.71 -10.83
C PRO C 108 -10.50 -17.38 -10.41
N PHE C 109 -11.09 -16.35 -10.99
CA PHE C 109 -12.46 -15.95 -10.67
C PHE C 109 -13.42 -17.09 -11.01
N ALA C 110 -13.23 -17.70 -12.18
CA ALA C 110 -14.08 -18.80 -12.63
C ALA C 110 -14.02 -19.99 -11.67
N LEU C 111 -12.83 -20.29 -11.16
CA LEU C 111 -12.67 -21.41 -10.23
C LEU C 111 -13.40 -21.15 -8.91
N VAL C 112 -13.28 -19.93 -8.38
CA VAL C 112 -13.95 -19.62 -7.11
C VAL C 112 -15.46 -19.61 -7.33
N ASN C 113 -15.87 -19.06 -8.47
CA ASN C 113 -17.28 -19.00 -8.83
C ASN C 113 -17.87 -20.41 -8.84
N ALA C 114 -17.08 -21.38 -9.25
CA ALA C 114 -17.54 -22.77 -9.32
C ALA C 114 -17.48 -23.57 -8.03
N VAL C 115 -16.60 -23.18 -7.11
CA VAL C 115 -16.47 -23.93 -5.86
C VAL C 115 -17.05 -23.25 -4.62
N ALA C 116 -17.26 -21.95 -4.69
CA ALA C 116 -17.77 -21.18 -3.57
C ALA C 116 -19.04 -21.71 -2.91
N SER C 117 -20.02 -22.11 -3.72
CA SER C 117 -21.25 -22.60 -3.13
C SER C 117 -21.07 -23.77 -2.17
N GLN C 118 -20.34 -24.79 -2.59
CA GLN C 118 -20.17 -25.93 -1.70
C GLN C 118 -19.42 -25.57 -0.43
N MET C 119 -18.40 -24.72 -0.54
CA MET C 119 -17.65 -24.32 0.65
C MET C 119 -18.55 -23.51 1.58
N LYS C 120 -19.32 -22.60 1.01
CA LYS C 120 -20.23 -21.77 1.79
C LYS C 120 -21.31 -22.57 2.51
N LYS C 121 -21.82 -23.61 1.85
CA LYS C 121 -22.86 -24.44 2.45
C LYS C 121 -22.39 -25.15 3.73
N ARG C 122 -21.15 -25.63 3.74
CA ARG C 122 -20.64 -26.34 4.93
C ARG C 122 -19.82 -25.42 5.82
N LYS C 123 -19.70 -24.16 5.38
CA LYS C 123 -18.93 -23.15 6.10
C LYS C 123 -17.48 -23.52 6.39
N SER C 124 -16.77 -23.98 5.36
CA SER C 124 -15.36 -24.32 5.52
C SER C 124 -14.69 -24.42 4.16
N GLY C 125 -13.41 -24.09 4.14
CA GLY C 125 -12.63 -24.16 2.91
C GLY C 125 -11.54 -23.12 2.95
N HIS C 126 -10.59 -23.23 2.02
CA HIS C 126 -9.51 -22.27 1.93
C HIS C 126 -9.24 -21.98 0.46
N ILE C 127 -9.09 -20.71 0.13
CA ILE C 127 -8.80 -20.31 -1.25
C ILE C 127 -7.48 -19.56 -1.29
N ILE C 128 -6.58 -20.02 -2.15
CA ILE C 128 -5.25 -19.44 -2.31
C ILE C 128 -4.94 -19.16 -3.78
N PHE C 129 -4.67 -17.90 -4.12
CA PHE C 129 -4.31 -17.56 -5.49
C PHE C 129 -2.79 -17.40 -5.53
N ILE C 130 -2.13 -17.99 -6.53
CA ILE C 130 -0.69 -17.79 -6.66
C ILE C 130 -0.65 -16.72 -7.73
N THR C 131 -0.30 -15.50 -7.34
CA THR C 131 -0.28 -14.39 -8.26
C THR C 131 1.13 -13.91 -8.62
N SER C 132 1.46 -12.69 -8.21
CA SER C 132 2.78 -12.13 -8.49
C SER C 132 3.08 -10.96 -7.58
N ALA C 133 4.38 -10.66 -7.43
CA ALA C 133 4.81 -9.54 -6.60
C ALA C 133 5.11 -8.34 -7.50
N THR C 134 5.11 -8.56 -8.81
CA THR C 134 5.41 -7.48 -9.75
C THR C 134 4.56 -6.22 -9.53
N PRO C 135 3.32 -6.36 -9.05
CA PRO C 135 2.55 -5.13 -8.85
C PRO C 135 3.21 -4.20 -7.82
N PHE C 136 3.94 -4.80 -6.87
CA PHE C 136 4.63 -4.07 -5.79
C PHE C 136 5.88 -3.34 -6.30
N GLY C 137 6.44 -3.81 -7.41
CA GLY C 137 7.63 -3.19 -7.97
C GLY C 137 7.68 -3.46 -9.47
N PRO C 138 6.82 -2.79 -10.25
CA PRO C 138 6.74 -2.96 -11.70
C PRO C 138 7.99 -2.63 -12.51
N TRP C 139 8.26 -3.45 -13.52
CA TRP C 139 9.38 -3.19 -14.42
C TRP C 139 8.70 -2.48 -15.57
N LYS C 140 9.48 -1.82 -16.42
CA LYS C 140 8.91 -1.14 -17.57
C LYS C 140 8.67 -2.20 -18.66
N GLU C 141 7.64 -1.97 -19.48
CA GLU C 141 7.31 -2.84 -20.59
C GLU C 141 6.71 -4.22 -20.32
N LEU C 142 5.99 -4.35 -19.21
CA LEU C 142 5.33 -5.61 -18.87
C LEU C 142 3.98 -5.20 -18.29
N SER C 143 3.39 -4.16 -18.88
CA SER C 143 2.13 -3.62 -18.40
C SER C 143 0.93 -4.58 -18.39
N THR C 144 0.83 -5.44 -19.40
CA THR C 144 -0.29 -6.36 -19.45
C THR C 144 -0.27 -7.35 -18.29
N TYR C 145 0.85 -8.03 -18.12
CA TYR C 145 1.02 -9.03 -17.07
C TYR C 145 0.92 -8.48 -15.65
N THR C 146 1.65 -7.41 -15.39
CA THR C 146 1.66 -6.78 -14.08
C THR C 146 0.27 -6.29 -13.64
N SER C 147 -0.41 -5.55 -14.51
CA SER C 147 -1.73 -5.03 -14.16
C SER C 147 -2.73 -6.16 -13.94
N ALA C 148 -2.62 -7.20 -14.74
CA ALA C 148 -3.51 -8.35 -14.61
C ALA C 148 -3.30 -9.01 -13.24
N ARG C 149 -2.04 -9.21 -12.87
CA ARG C 149 -1.74 -9.84 -11.58
C ARG C 149 -2.28 -9.01 -10.42
N ALA C 150 -2.28 -7.69 -10.60
CA ALA C 150 -2.79 -6.78 -9.57
C ALA C 150 -4.28 -7.04 -9.40
N GLY C 151 -4.98 -7.19 -10.52
CA GLY C 151 -6.40 -7.46 -10.45
C GLY C 151 -6.64 -8.73 -9.63
N ALA C 152 -5.80 -9.74 -9.86
CA ALA C 152 -5.91 -11.01 -9.15
C ALA C 152 -5.69 -10.84 -7.64
N CYS C 153 -4.68 -10.06 -7.28
CA CYS C 153 -4.41 -9.84 -5.86
C CYS C 153 -5.63 -9.23 -5.20
N THR C 154 -6.14 -8.15 -5.77
CA THR C 154 -7.31 -7.48 -5.23
C THR C 154 -8.52 -8.42 -5.18
N LEU C 155 -8.67 -9.25 -6.21
CA LEU C 155 -9.79 -10.19 -6.26
C LEU C 155 -9.78 -11.01 -4.98
N ALA C 156 -8.61 -11.51 -4.61
CA ALA C 156 -8.46 -12.31 -3.40
C ALA C 156 -8.86 -11.50 -2.17
N ASN C 157 -8.32 -10.29 -2.07
CA ASN C 157 -8.63 -9.45 -0.92
C ASN C 157 -10.12 -9.16 -0.83
N ALA C 158 -10.74 -8.87 -1.97
CA ALA C 158 -12.17 -8.58 -2.00
C ALA C 158 -12.99 -9.79 -1.59
N LEU C 159 -12.64 -10.95 -2.13
CA LEU C 159 -13.37 -12.17 -1.80
C LEU C 159 -13.31 -12.54 -0.33
N SER C 160 -12.21 -12.21 0.33
CA SER C 160 -12.05 -12.53 1.74
C SER C 160 -13.13 -11.82 2.54
N LYS C 161 -13.53 -10.64 2.08
CA LYS C 161 -14.55 -9.86 2.77
C LYS C 161 -15.91 -10.56 2.81
N GLU C 162 -16.30 -11.18 1.70
CA GLU C 162 -17.60 -11.85 1.68
C GLU C 162 -17.57 -13.29 2.20
N LEU C 163 -16.51 -14.02 1.89
CA LEU C 163 -16.40 -15.41 2.32
C LEU C 163 -16.05 -15.58 3.79
N GLY C 164 -15.50 -14.55 4.41
CA GLY C 164 -15.17 -14.65 5.82
C GLY C 164 -16.38 -15.01 6.65
N GLU C 165 -17.55 -14.52 6.25
CA GLU C 165 -18.78 -14.80 6.98
C GLU C 165 -19.08 -16.29 6.97
N TYR C 166 -18.53 -16.99 5.97
CA TYR C 166 -18.74 -18.42 5.83
C TYR C 166 -17.53 -19.22 6.31
N ASN C 167 -16.64 -18.56 7.03
CA ASN C 167 -15.44 -19.20 7.58
C ASN C 167 -14.50 -19.71 6.49
N ILE C 168 -14.38 -18.95 5.41
CA ILE C 168 -13.52 -19.32 4.30
C ILE C 168 -12.42 -18.27 4.08
N PRO C 169 -11.19 -18.55 4.54
CA PRO C 169 -10.10 -17.59 4.37
C PRO C 169 -9.69 -17.57 2.90
N VAL C 170 -9.28 -16.40 2.42
CA VAL C 170 -8.84 -16.25 1.04
C VAL C 170 -7.51 -15.51 1.06
N PHE C 171 -6.51 -16.08 0.40
CA PHE C 171 -5.19 -15.45 0.35
C PHE C 171 -4.63 -15.35 -1.06
N ALA C 172 -3.66 -14.46 -1.21
CA ALA C 172 -2.98 -14.29 -2.48
C ALA C 172 -1.48 -14.31 -2.17
N ILE C 173 -0.75 -15.23 -2.79
CA ILE C 173 0.69 -15.33 -2.58
C ILE C 173 1.35 -14.82 -3.87
N GLY C 174 2.05 -13.69 -3.76
CA GLY C 174 2.69 -13.10 -4.92
C GLY C 174 4.20 -13.30 -4.93
N PRO C 175 4.68 -14.29 -5.69
CA PRO C 175 6.12 -14.54 -5.75
C PRO C 175 6.88 -13.76 -6.81
N ASN C 176 8.19 -13.74 -6.64
CA ASN C 176 9.10 -13.18 -7.64
C ASN C 176 10.43 -13.84 -7.34
N TYR C 177 11.17 -14.15 -8.39
CA TYR C 177 12.43 -14.83 -8.25
C TYR C 177 12.27 -16.16 -7.52
N LEU C 178 11.15 -16.82 -7.77
CA LEU C 178 10.89 -18.13 -7.18
C LEU C 178 11.35 -19.20 -8.16
N HIS C 179 12.37 -19.95 -7.76
CA HIS C 179 12.91 -21.04 -8.60
C HIS C 179 11.75 -21.90 -9.10
N SER C 180 11.73 -22.21 -10.40
CA SER C 180 10.67 -23.04 -10.97
C SER C 180 11.21 -24.35 -11.53
N GLU C 181 12.49 -24.60 -11.26
CA GLU C 181 13.16 -25.83 -11.67
C GLU C 181 13.13 -26.10 -13.17
N ASP C 182 12.38 -27.11 -13.62
CA ASP C 182 12.34 -27.42 -15.04
C ASP C 182 11.27 -26.63 -15.80
N SER C 183 10.41 -25.94 -15.05
CA SER C 183 9.35 -25.14 -15.67
C SER C 183 9.85 -23.78 -16.13
N PRO C 184 9.52 -23.42 -17.38
CA PRO C 184 9.97 -22.12 -17.88
C PRO C 184 9.18 -21.01 -17.23
N TYR C 185 8.15 -21.38 -16.49
CA TYR C 185 7.36 -20.33 -15.91
C TYR C 185 8.03 -19.52 -14.85
N PHE C 186 8.73 -18.54 -15.41
CA PHE C 186 9.42 -17.49 -14.72
C PHE C 186 10.86 -17.71 -14.27
N TYR C 187 11.18 -18.73 -13.47
CA TYR C 187 12.58 -18.88 -13.07
C TYR C 187 13.17 -20.28 -13.07
N PRO C 188 13.36 -20.87 -14.26
CA PRO C 188 13.93 -22.22 -14.31
C PRO C 188 15.41 -22.28 -13.92
N THR C 189 15.86 -23.47 -13.51
CA THR C 189 17.24 -23.68 -13.09
C THR C 189 18.19 -23.13 -14.15
N GLU C 190 17.89 -23.36 -15.41
CA GLU C 190 18.70 -22.84 -16.51
C GLU C 190 17.89 -21.67 -17.04
N PRO C 191 18.48 -20.46 -17.03
CA PRO C 191 19.83 -20.05 -16.61
C PRO C 191 19.97 -19.43 -15.21
N TRP C 192 18.87 -19.35 -14.46
CA TRP C 192 18.90 -18.70 -13.14
C TRP C 192 19.83 -19.19 -12.04
N LYS C 193 20.27 -20.45 -12.13
CA LYS C 193 21.19 -20.99 -11.14
C LYS C 193 22.50 -21.39 -11.81
N THR C 194 22.51 -21.31 -13.14
CA THR C 194 23.69 -21.73 -13.90
C THR C 194 24.47 -20.64 -14.62
N ASN C 195 23.82 -19.54 -14.99
CA ASN C 195 24.52 -18.48 -15.69
C ASN C 195 24.97 -17.37 -14.73
N PRO C 196 26.27 -17.01 -14.78
CA PRO C 196 26.85 -15.97 -13.91
C PRO C 196 26.07 -14.66 -13.86
N GLU C 197 25.70 -14.13 -15.04
CA GLU C 197 24.95 -12.87 -15.06
C GLU C 197 23.60 -12.99 -14.35
N HIS C 198 22.94 -14.13 -14.49
CA HIS C 198 21.65 -14.29 -13.84
C HIS C 198 21.83 -14.49 -12.35
N VAL C 199 22.86 -15.23 -11.95
CA VAL C 199 23.12 -15.45 -10.54
C VAL C 199 23.43 -14.09 -9.87
N ALA C 200 24.29 -13.30 -10.51
CA ALA C 200 24.63 -11.99 -9.99
C ALA C 200 23.41 -11.06 -9.95
N HIS C 201 22.51 -11.18 -10.92
CA HIS C 201 21.31 -10.35 -10.95
C HIS C 201 20.45 -10.62 -9.71
N VAL C 202 20.20 -11.90 -9.44
CA VAL C 202 19.39 -12.28 -8.29
C VAL C 202 20.04 -11.81 -6.99
N LYS C 203 21.36 -11.93 -6.91
CA LYS C 203 22.08 -11.52 -5.70
C LYS C 203 21.99 -10.02 -5.46
N LYS C 204 21.76 -9.25 -6.52
CA LYS C 204 21.68 -7.80 -6.41
C LYS C 204 20.28 -7.28 -6.12
N VAL C 205 19.30 -7.87 -6.78
CA VAL C 205 17.91 -7.47 -6.70
C VAL C 205 17.07 -7.98 -5.51
N THR C 206 17.51 -9.07 -4.88
CA THR C 206 16.76 -9.58 -3.74
C THR C 206 17.57 -9.36 -2.47
N ALA C 207 16.89 -9.16 -1.34
CA ALA C 207 17.58 -8.94 -0.08
C ALA C 207 18.31 -10.19 0.40
N LEU C 208 17.69 -11.35 0.24
CA LEU C 208 18.29 -12.61 0.67
C LEU C 208 19.36 -13.08 -0.33
N GLN C 209 19.47 -12.37 -1.45
CA GLN C 209 20.45 -12.68 -2.50
C GLN C 209 20.43 -14.12 -3.00
N ARG C 210 19.24 -14.59 -3.33
CA ARG C 210 19.05 -15.94 -3.84
C ARG C 210 17.61 -16.06 -4.32
N LEU C 211 17.33 -17.12 -5.08
CA LEU C 211 15.97 -17.37 -5.55
C LEU C 211 15.21 -18.00 -4.40
N GLY C 212 13.88 -17.90 -4.42
CA GLY C 212 13.07 -18.52 -3.39
C GLY C 212 12.97 -19.99 -3.82
N THR C 213 12.70 -20.89 -2.89
CA THR C 213 12.61 -22.31 -3.23
C THR C 213 11.17 -22.79 -3.34
N GLN C 214 10.95 -23.85 -4.14
CA GLN C 214 9.61 -24.40 -4.27
C GLN C 214 9.18 -24.86 -2.87
N LYS C 215 10.15 -25.29 -2.06
CA LYS C 215 9.84 -25.74 -0.70
C LYS C 215 9.25 -24.63 0.16
N GLU C 216 9.84 -23.43 0.08
CA GLU C 216 9.34 -22.31 0.87
C GLU C 216 7.88 -22.01 0.48
N LEU C 217 7.60 -22.01 -0.81
CA LEU C 217 6.25 -21.76 -1.30
C LEU C 217 5.33 -22.87 -0.78
N GLY C 218 5.74 -24.12 -0.96
CA GLY C 218 4.93 -25.23 -0.50
C GLY C 218 4.62 -25.13 0.98
N GLU C 219 5.62 -24.80 1.79
CA GLU C 219 5.42 -24.66 3.23
C GLU C 219 4.38 -23.58 3.52
N LEU C 220 4.45 -22.47 2.79
CA LEU C 220 3.48 -21.39 3.00
C LEU C 220 2.09 -21.86 2.62
N VAL C 221 1.96 -22.52 1.48
CA VAL C 221 0.67 -23.01 1.03
C VAL C 221 0.08 -23.99 2.03
N ALA C 222 0.88 -24.96 2.48
CA ALA C 222 0.41 -25.96 3.43
C ALA C 222 0.02 -25.34 4.77
N PHE C 223 0.81 -24.37 5.21
CA PHE C 223 0.55 -23.71 6.49
C PHE C 223 -0.81 -23.02 6.46
N LEU C 224 -1.10 -22.32 5.36
CA LEU C 224 -2.38 -21.61 5.24
C LEU C 224 -3.56 -22.57 5.07
N ALA C 225 -3.33 -23.66 4.35
CA ALA C 225 -4.38 -24.64 4.11
C ALA C 225 -4.68 -25.48 5.34
N SER C 226 -3.77 -25.47 6.31
CA SER C 226 -3.94 -26.26 7.53
C SER C 226 -4.96 -25.71 8.51
N GLY C 227 -5.34 -24.44 8.33
CA GLY C 227 -6.29 -23.83 9.24
C GLY C 227 -5.58 -23.36 10.50
N SER C 228 -4.25 -23.29 10.44
CA SER C 228 -3.46 -22.85 11.58
C SER C 228 -3.49 -21.34 11.80
N CYS C 229 -3.83 -20.57 10.75
CA CYS C 229 -3.85 -19.12 10.88
C CYS C 229 -4.85 -18.46 9.94
N ASP C 230 -6.11 -18.83 10.07
CA ASP C 230 -7.16 -18.26 9.22
C ASP C 230 -7.31 -16.75 9.35
N TYR C 231 -6.89 -16.20 10.49
CA TYR C 231 -7.03 -14.76 10.72
C TYR C 231 -6.21 -13.89 9.76
N LEU C 232 -5.41 -14.53 8.90
CA LEU C 232 -4.62 -13.78 7.92
C LEU C 232 -5.45 -13.59 6.66
N THR C 233 -6.72 -13.97 6.71
CA THR C 233 -7.54 -13.83 5.52
C THR C 233 -7.49 -12.42 4.92
N GLY C 234 -7.36 -12.37 3.60
CA GLY C 234 -7.30 -11.10 2.89
C GLY C 234 -5.86 -10.72 2.59
N GLN C 235 -4.94 -11.44 3.20
CA GLN C 235 -3.52 -11.18 3.04
C GLN C 235 -2.96 -11.41 1.64
N VAL C 236 -2.09 -10.49 1.23
CA VAL C 236 -1.37 -10.60 -0.02
C VAL C 236 0.04 -10.78 0.48
N PHE C 237 0.62 -11.94 0.19
CA PHE C 237 1.97 -12.26 0.62
C PHE C 237 2.96 -11.88 -0.46
N TRP C 238 4.08 -11.28 -0.07
CA TRP C 238 5.12 -10.91 -1.03
C TRP C 238 6.26 -11.90 -0.84
N LEU C 239 6.18 -13.03 -1.55
CA LEU C 239 7.19 -14.07 -1.48
C LEU C 239 8.28 -13.69 -2.47
N ALA C 240 8.99 -12.60 -2.16
CA ALA C 240 10.02 -12.11 -3.07
C ALA C 240 11.41 -11.92 -2.46
N GLY C 241 11.62 -12.51 -1.29
CA GLY C 241 12.93 -12.43 -0.64
C GLY C 241 13.51 -11.06 -0.41
N GLY C 242 12.67 -10.06 -0.13
CA GLY C 242 13.21 -8.73 0.11
C GLY C 242 13.26 -7.84 -1.11
N PHE C 243 12.91 -8.40 -2.27
CA PHE C 243 12.88 -7.61 -3.49
C PHE C 243 11.80 -6.54 -3.33
N PRO C 244 12.02 -5.35 -3.90
CA PRO C 244 13.20 -4.96 -4.67
C PRO C 244 14.28 -4.25 -3.87
N MET C 245 15.53 -4.46 -4.25
CA MET C 245 16.66 -3.80 -3.61
C MET C 245 16.92 -2.58 -4.49
N ILE C 246 16.72 -1.40 -3.93
CA ILE C 246 16.87 -0.15 -4.67
C ILE C 246 18.31 0.36 -4.75
N GLU C 247 18.71 0.76 -5.96
CA GLU C 247 20.04 1.29 -6.21
C GLU C 247 20.30 2.50 -5.31
N ARG C 248 21.42 2.49 -4.61
CA ARG C 248 21.74 3.60 -3.72
C ARG C 248 22.60 4.68 -4.39
N TRP C 249 22.74 5.81 -3.71
CA TRP C 249 23.52 6.95 -4.18
C TRP C 249 24.94 6.55 -4.59
N PRO C 250 25.59 7.37 -5.43
CA PRO C 250 26.96 7.06 -5.85
C PRO C 250 27.87 7.00 -4.63
N GLY C 251 28.88 6.15 -4.68
CA GLY C 251 29.80 6.03 -3.55
C GLY C 251 29.42 4.98 -2.54
N MET C 252 28.17 4.52 -2.58
CA MET C 252 27.69 3.50 -1.66
C MET C 252 27.74 2.12 -2.33
N PRO C 253 28.43 1.15 -1.70
CA PRO C 253 28.55 -0.21 -2.24
C PRO C 253 27.25 -1.01 -2.35
N SER D 2 -3.63 22.87 -25.07
CA SER D 2 -3.45 21.77 -26.06
C SER D 2 -4.78 21.08 -26.37
N THR D 3 -4.71 19.85 -26.89
CA THR D 3 -5.90 19.09 -27.23
C THR D 3 -6.07 17.93 -26.28
N ALA D 4 -7.27 17.79 -25.74
CA ALA D 4 -7.54 16.71 -24.80
C ALA D 4 -8.73 15.87 -25.21
N ILE D 5 -8.78 14.66 -24.67
CA ILE D 5 -9.87 13.74 -24.94
C ILE D 5 -10.42 13.29 -23.59
N VAL D 6 -11.74 13.38 -23.43
CA VAL D 6 -12.41 12.92 -22.21
C VAL D 6 -13.47 11.93 -22.68
N THR D 7 -13.35 10.69 -22.26
CA THR D 7 -14.32 9.66 -22.67
C THR D 7 -15.53 9.60 -21.74
N ASN D 8 -16.61 8.99 -22.20
CA ASN D 8 -17.84 8.87 -21.42
C ASN D 8 -18.09 10.19 -20.68
N VAL D 9 -17.96 11.29 -21.43
CA VAL D 9 -18.09 12.64 -20.86
C VAL D 9 -19.32 12.94 -20.02
N LYS D 10 -20.44 12.29 -20.32
CA LYS D 10 -21.67 12.53 -19.56
C LYS D 10 -21.67 11.89 -18.18
N HIS D 11 -20.77 10.95 -17.94
CA HIS D 11 -20.79 10.23 -16.67
C HIS D 11 -19.52 10.25 -15.83
N PHE D 12 -19.67 9.89 -14.57
CA PHE D 12 -18.54 9.78 -13.65
C PHE D 12 -17.77 11.09 -13.56
N GLY D 13 -16.47 11.03 -13.85
CA GLY D 13 -15.66 12.24 -13.78
C GLY D 13 -15.59 12.97 -15.11
N GLY D 14 -16.51 12.63 -16.00
CA GLY D 14 -16.53 13.23 -17.32
C GLY D 14 -16.77 14.74 -17.43
N MET D 15 -17.89 15.21 -16.91
CA MET D 15 -18.20 16.64 -17.01
C MET D 15 -17.24 17.55 -16.24
N GLY D 16 -16.85 17.14 -15.04
CA GLY D 16 -15.93 17.96 -14.28
C GLY D 16 -14.62 18.10 -15.03
N SER D 17 -14.14 17.00 -15.59
CA SER D 17 -12.90 16.98 -16.35
C SER D 17 -12.95 17.86 -17.60
N ALA D 18 -13.94 17.63 -18.45
CA ALA D 18 -14.10 18.37 -19.70
C ALA D 18 -14.29 19.87 -19.46
N LEU D 19 -15.16 20.19 -18.51
CA LEU D 19 -15.46 21.57 -18.18
C LEU D 19 -14.26 22.37 -17.70
N ARG D 20 -13.51 21.83 -16.73
CA ARG D 20 -12.36 22.56 -16.20
C ARG D 20 -11.21 22.60 -17.19
N LEU D 21 -11.04 21.52 -17.96
CA LEU D 21 -9.98 21.47 -18.94
C LEU D 21 -10.24 22.57 -19.99
N SER D 22 -11.50 22.71 -20.38
CA SER D 22 -11.88 23.72 -21.36
C SER D 22 -11.69 25.12 -20.79
N GLU D 23 -12.01 25.30 -19.51
CA GLU D 23 -11.85 26.60 -18.87
C GLU D 23 -10.36 26.91 -18.80
N ALA D 24 -9.54 25.87 -18.83
CA ALA D 24 -8.09 26.02 -18.78
C ALA D 24 -7.55 26.48 -20.14
N GLY D 25 -8.40 26.42 -21.15
CA GLY D 25 -7.98 26.85 -22.49
C GLY D 25 -7.68 25.72 -23.45
N HIS D 26 -7.92 24.49 -23.02
CA HIS D 26 -7.67 23.33 -23.87
C HIS D 26 -8.81 23.06 -24.83
N THR D 27 -8.50 22.44 -25.97
CA THR D 27 -9.51 22.06 -26.93
C THR D 27 -9.91 20.69 -26.37
N VAL D 28 -11.18 20.50 -26.04
CA VAL D 28 -11.59 19.23 -25.46
C VAL D 28 -12.54 18.39 -26.31
N ALA D 29 -12.02 17.32 -26.89
CA ALA D 29 -12.84 16.42 -27.69
C ALA D 29 -13.49 15.46 -26.71
N CYS D 30 -14.80 15.26 -26.85
CA CYS D 30 -15.52 14.39 -25.93
C CYS D 30 -16.18 13.18 -26.56
N HIS D 31 -16.02 12.05 -25.92
CA HIS D 31 -16.61 10.79 -26.35
C HIS D 31 -17.73 10.41 -25.37
N ASP D 32 -18.70 9.67 -25.88
CA ASP D 32 -19.81 9.16 -25.06
C ASP D 32 -20.61 8.20 -25.91
N GLU D 33 -21.11 7.15 -25.28
CA GLU D 33 -21.90 6.16 -25.99
C GLU D 33 -23.12 6.75 -26.69
N SER D 34 -23.71 7.79 -26.09
CA SER D 34 -24.90 8.41 -26.66
C SER D 34 -24.61 9.18 -27.95
N PHE D 35 -23.36 9.62 -28.13
CA PHE D 35 -23.00 10.38 -29.31
C PHE D 35 -23.14 9.60 -30.61
N LYS D 36 -23.50 8.32 -30.51
CA LYS D 36 -23.73 7.48 -31.69
C LYS D 36 -25.00 8.04 -32.37
N GLN D 37 -25.82 8.73 -31.59
CA GLN D 37 -27.06 9.34 -32.10
C GLN D 37 -26.77 10.80 -32.41
N LYS D 38 -27.07 11.18 -33.64
CA LYS D 38 -26.86 12.55 -34.08
C LYS D 38 -27.56 13.51 -33.13
N ASP D 39 -28.82 13.22 -32.78
CA ASP D 39 -29.60 14.08 -31.89
C ASP D 39 -28.89 14.38 -30.57
N GLU D 40 -28.41 13.32 -29.91
CA GLU D 40 -27.70 13.44 -28.64
C GLU D 40 -26.42 14.25 -28.80
N LEU D 41 -25.68 14.00 -29.87
CA LEU D 41 -24.45 14.73 -30.11
C LEU D 41 -24.71 16.22 -30.33
N GLU D 42 -25.72 16.54 -31.15
CA GLU D 42 -26.05 17.92 -31.43
C GLU D 42 -26.56 18.65 -30.20
N ALA D 43 -27.39 17.98 -29.41
CA ALA D 43 -27.93 18.59 -28.20
C ALA D 43 -26.82 18.91 -27.20
N PHE D 44 -25.83 18.03 -27.12
CA PHE D 44 -24.71 18.21 -26.19
C PHE D 44 -23.88 19.39 -26.66
N ALA D 45 -23.62 19.43 -27.95
CA ALA D 45 -22.82 20.50 -28.55
C ALA D 45 -23.50 21.86 -28.37
N GLU D 46 -24.83 21.86 -28.30
CA GLU D 46 -25.56 23.11 -28.14
C GLU D 46 -25.48 23.62 -26.71
N THR D 47 -25.56 22.69 -25.76
CA THR D 47 -25.53 23.04 -24.34
C THR D 47 -24.11 23.40 -23.90
N TYR D 48 -23.13 22.67 -24.42
CA TYR D 48 -21.74 22.93 -24.08
C TYR D 48 -20.96 23.24 -25.34
N PRO D 49 -21.25 24.41 -25.95
CA PRO D 49 -20.58 24.83 -27.18
C PRO D 49 -19.06 24.91 -27.08
N GLN D 50 -18.54 24.92 -25.85
CA GLN D 50 -17.08 24.99 -25.68
C GLN D 50 -16.44 23.61 -25.86
N LEU D 51 -17.24 22.57 -25.72
CA LEU D 51 -16.77 21.20 -25.87
C LEU D 51 -16.99 20.71 -27.30
N LYS D 52 -16.17 19.76 -27.73
CA LYS D 52 -16.30 19.23 -29.09
C LYS D 52 -16.67 17.74 -29.08
N PRO D 53 -17.97 17.43 -29.06
CA PRO D 53 -18.39 16.02 -29.04
C PRO D 53 -18.04 15.27 -30.32
N MET D 54 -17.61 14.03 -30.16
CA MET D 54 -17.21 13.17 -31.29
C MET D 54 -18.16 11.98 -31.35
N SER D 55 -18.48 11.51 -32.55
CA SER D 55 -19.37 10.36 -32.63
C SER D 55 -18.59 9.05 -32.58
N GLU D 56 -17.29 9.11 -32.81
CA GLU D 56 -16.46 7.90 -32.79
C GLU D 56 -16.58 7.17 -31.46
N GLN D 57 -16.68 5.84 -31.51
CA GLN D 57 -16.84 5.03 -30.32
C GLN D 57 -15.64 4.17 -29.93
N GLU D 58 -14.96 3.60 -30.93
CA GLU D 58 -13.81 2.74 -30.68
C GLU D 58 -12.51 3.53 -30.50
N PRO D 59 -11.60 3.02 -29.65
CA PRO D 59 -10.30 3.59 -29.31
C PRO D 59 -9.47 4.13 -30.47
N ALA D 60 -9.10 3.26 -31.39
CA ALA D 60 -8.30 3.65 -32.54
C ALA D 60 -9.05 4.69 -33.37
N GLU D 61 -10.30 4.39 -33.60
CA GLU D 61 -11.17 5.26 -34.37
C GLU D 61 -11.21 6.69 -33.77
N LEU D 62 -11.41 6.76 -32.46
CA LEU D 62 -11.50 8.05 -31.75
C LEU D 62 -10.20 8.84 -31.79
N ILE D 63 -9.09 8.19 -31.46
CA ILE D 63 -7.81 8.86 -31.47
C ILE D 63 -7.50 9.40 -32.87
N GLU D 64 -7.83 8.62 -33.89
CA GLU D 64 -7.58 9.05 -35.26
C GLU D 64 -8.44 10.26 -35.61
N ALA D 65 -9.71 10.22 -35.22
CA ALA D 65 -10.63 11.30 -35.51
C ALA D 65 -10.21 12.60 -34.85
N VAL D 66 -9.85 12.52 -33.58
CA VAL D 66 -9.43 13.71 -32.86
C VAL D 66 -8.12 14.24 -33.43
N THR D 67 -7.21 13.33 -33.76
CA THR D 67 -5.93 13.74 -34.32
C THR D 67 -6.09 14.46 -35.65
N SER D 68 -6.94 13.92 -36.52
CA SER D 68 -7.18 14.54 -37.83
C SER D 68 -7.87 15.88 -37.70
N ALA D 69 -8.84 15.94 -36.79
CA ALA D 69 -9.61 17.17 -36.58
C ALA D 69 -8.86 18.27 -35.88
N TYR D 70 -8.11 17.94 -34.83
CA TYR D 70 -7.40 18.95 -34.09
C TYR D 70 -5.87 18.88 -34.16
N GLY D 71 -5.33 17.96 -34.94
CA GLY D 71 -3.89 17.87 -35.10
C GLY D 71 -3.17 16.79 -34.33
N GLN D 72 -3.53 16.63 -33.07
CA GLN D 72 -2.90 15.64 -32.21
C GLN D 72 -3.63 15.56 -30.87
N VAL D 73 -3.33 14.52 -30.10
CA VAL D 73 -3.92 14.35 -28.78
C VAL D 73 -2.83 14.55 -27.75
N ASP D 74 -2.94 15.61 -26.95
CA ASP D 74 -1.93 15.89 -25.93
C ASP D 74 -2.30 15.36 -24.55
N VAL D 75 -3.59 15.26 -24.29
CA VAL D 75 -4.05 14.76 -23.01
C VAL D 75 -5.15 13.72 -23.19
N LEU D 76 -4.98 12.58 -22.56
CA LEU D 76 -5.99 11.52 -22.64
C LEU D 76 -6.58 11.36 -21.25
N VAL D 77 -7.88 11.52 -21.14
CA VAL D 77 -8.53 11.30 -19.86
C VAL D 77 -9.45 10.10 -20.06
N SER D 78 -9.01 8.94 -19.62
CA SER D 78 -9.81 7.73 -19.77
C SER D 78 -10.74 7.63 -18.57
N ASN D 79 -11.92 8.23 -18.73
CA ASN D 79 -12.96 8.24 -17.70
C ASN D 79 -13.83 7.00 -17.91
N ASP D 80 -13.35 5.87 -17.42
CA ASP D 80 -14.05 4.60 -17.60
C ASP D 80 -15.18 4.29 -16.64
N ILE D 81 -16.23 3.67 -17.18
CA ILE D 81 -17.40 3.31 -16.39
C ILE D 81 -17.94 1.92 -16.69
N PHE D 82 -18.70 1.39 -15.74
CA PHE D 82 -19.32 0.09 -15.86
C PHE D 82 -20.44 0.07 -14.83
N ALA D 83 -21.53 -0.62 -15.13
CA ALA D 83 -22.66 -0.71 -14.20
C ALA D 83 -22.70 -2.13 -13.65
N PRO D 84 -22.01 -2.35 -12.52
CA PRO D 84 -21.98 -3.68 -11.90
C PRO D 84 -23.14 -3.91 -10.95
N GLU D 85 -23.34 -5.17 -10.61
CA GLU D 85 -24.35 -5.58 -9.65
C GLU D 85 -23.52 -6.07 -8.48
N PHE D 86 -24.10 -6.02 -7.29
CA PHE D 86 -23.43 -6.54 -6.09
C PHE D 86 -23.92 -7.99 -6.10
N GLN D 87 -23.01 -8.94 -6.00
CA GLN D 87 -23.39 -10.35 -5.99
C GLN D 87 -22.37 -11.21 -5.26
N PRO D 88 -22.83 -12.26 -4.57
CA PRO D 88 -21.89 -13.13 -3.89
C PRO D 88 -21.12 -13.75 -5.05
N ILE D 89 -19.86 -14.12 -4.85
CA ILE D 89 -19.05 -14.68 -5.94
C ILE D 89 -19.70 -15.79 -6.77
N ASP D 90 -20.43 -16.69 -6.12
CA ASP D 90 -21.07 -17.79 -6.85
C ASP D 90 -22.32 -17.40 -7.64
N LYS D 91 -22.83 -16.19 -7.42
CA LYS D 91 -24.03 -15.75 -8.13
C LYS D 91 -23.71 -14.97 -9.40
N TYR D 92 -22.46 -14.50 -9.51
CA TYR D 92 -22.05 -13.78 -10.71
C TYR D 92 -21.94 -14.82 -11.83
N ALA D 93 -21.96 -14.34 -13.06
CA ALA D 93 -21.75 -15.19 -14.21
C ALA D 93 -20.30 -14.82 -14.54
N VAL D 94 -19.54 -15.74 -15.11
CA VAL D 94 -18.15 -15.41 -15.43
C VAL D 94 -18.16 -14.25 -16.44
N GLU D 95 -19.21 -14.19 -17.25
CA GLU D 95 -19.35 -13.13 -18.25
C GLU D 95 -19.47 -11.76 -17.57
N ASP D 96 -19.95 -11.76 -16.32
CA ASP D 96 -20.09 -10.51 -15.59
C ASP D 96 -18.71 -9.94 -15.26
N TYR D 97 -17.75 -10.82 -15.01
CA TYR D 97 -16.40 -10.35 -14.71
C TYR D 97 -15.76 -9.91 -16.01
N ARG D 98 -15.96 -10.68 -17.08
CA ARG D 98 -15.40 -10.33 -18.38
C ARG D 98 -15.85 -8.93 -18.81
N GLY D 99 -17.12 -8.63 -18.55
CA GLY D 99 -17.68 -7.34 -18.91
C GLY D 99 -17.04 -6.22 -18.12
N ALA D 100 -16.85 -6.45 -16.82
CA ALA D 100 -16.23 -5.45 -15.96
C ALA D 100 -14.79 -5.21 -16.42
N VAL D 101 -14.06 -6.28 -16.66
CA VAL D 101 -12.67 -6.16 -17.09
C VAL D 101 -12.55 -5.48 -18.44
N GLU D 102 -13.48 -5.76 -19.35
CA GLU D 102 -13.46 -5.18 -20.69
C GLU D 102 -13.67 -3.67 -20.64
N ALA D 103 -14.61 -3.22 -19.81
CA ALA D 103 -14.92 -1.81 -19.69
C ALA D 103 -13.94 -0.99 -18.84
N LEU D 104 -13.36 -1.62 -17.82
CA LEU D 104 -12.47 -0.91 -16.91
C LEU D 104 -10.97 -1.14 -17.06
N GLN D 105 -10.58 -2.16 -17.80
CA GLN D 105 -9.15 -2.43 -17.99
C GLN D 105 -8.78 -2.45 -19.48
N ILE D 106 -9.50 -3.25 -20.25
CA ILE D 106 -9.21 -3.37 -21.66
C ILE D 106 -9.37 -2.04 -22.38
N ARG D 107 -10.42 -1.29 -22.04
CA ARG D 107 -10.66 0.00 -22.69
C ARG D 107 -9.54 1.01 -22.44
N PRO D 108 -9.23 1.32 -21.18
CA PRO D 108 -8.16 2.29 -20.97
C PRO D 108 -6.85 1.82 -21.62
N PHE D 109 -6.60 0.51 -21.57
CA PHE D 109 -5.41 -0.04 -22.18
C PHE D 109 -5.41 0.21 -23.68
N ALA D 110 -6.56 -0.01 -24.31
CA ALA D 110 -6.67 0.17 -25.76
C ALA D 110 -6.50 1.63 -26.19
N LEU D 111 -6.97 2.55 -25.36
CA LEU D 111 -6.84 3.96 -25.70
C LEU D 111 -5.38 4.39 -25.63
N VAL D 112 -4.66 3.93 -24.61
CA VAL D 112 -3.25 4.28 -24.51
C VAL D 112 -2.48 3.59 -25.61
N ASN D 113 -2.87 2.36 -25.92
CA ASN D 113 -2.23 1.58 -26.98
C ASN D 113 -2.34 2.30 -28.33
N ALA D 114 -3.43 3.04 -28.51
CA ALA D 114 -3.66 3.74 -29.77
C ALA D 114 -3.03 5.13 -29.86
N VAL D 115 -2.82 5.79 -28.72
CA VAL D 115 -2.27 7.14 -28.74
C VAL D 115 -0.82 7.27 -28.27
N ALA D 116 -0.28 6.21 -27.67
CA ALA D 116 1.08 6.29 -27.15
C ALA D 116 2.15 6.62 -28.18
N SER D 117 2.06 6.03 -29.37
CA SER D 117 3.09 6.31 -30.37
C SER D 117 3.24 7.78 -30.73
N GLN D 118 2.15 8.51 -30.92
CA GLN D 118 2.30 9.92 -31.29
C GLN D 118 2.87 10.74 -30.13
N MET D 119 2.54 10.37 -28.90
CA MET D 119 3.03 11.10 -27.74
C MET D 119 4.53 10.85 -27.58
N LYS D 120 4.93 9.60 -27.76
CA LYS D 120 6.33 9.23 -27.62
C LYS D 120 7.21 9.88 -28.67
N LYS D 121 6.69 10.01 -29.89
CA LYS D 121 7.46 10.63 -30.96
C LYS D 121 7.82 12.07 -30.61
N ARG D 122 6.85 12.84 -30.13
CA ARG D 122 7.10 14.23 -29.77
C ARG D 122 7.55 14.37 -28.32
N LYS D 123 7.65 13.26 -27.61
CA LYS D 123 8.06 13.26 -26.21
C LYS D 123 7.26 14.29 -25.41
N SER D 124 5.94 14.14 -25.42
CA SER D 124 5.07 15.05 -24.68
C SER D 124 3.65 14.49 -24.69
N GLY D 125 2.95 14.71 -23.57
CA GLY D 125 1.58 14.23 -23.45
C GLY D 125 1.32 13.87 -22.01
N HIS D 126 0.05 13.76 -21.65
CA HIS D 126 -0.32 13.38 -20.29
C HIS D 126 -1.41 12.34 -20.39
N ILE D 127 -1.34 11.32 -19.54
CA ILE D 127 -2.35 10.26 -19.53
C ILE D 127 -2.97 10.16 -18.14
N ILE D 128 -4.29 10.25 -18.07
CA ILE D 128 -5.00 10.20 -16.80
C ILE D 128 -6.15 9.18 -16.83
N PHE D 129 -6.08 8.17 -15.96
CA PHE D 129 -7.16 7.19 -15.89
C PHE D 129 -8.04 7.62 -14.70
N ILE D 130 -9.36 7.59 -14.86
CA ILE D 130 -10.23 7.87 -13.74
C ILE D 130 -10.67 6.46 -13.40
N THR D 131 -10.21 5.97 -12.26
CA THR D 131 -10.51 4.61 -11.86
C THR D 131 -11.47 4.54 -10.68
N SER D 132 -10.95 4.15 -9.52
CA SER D 132 -11.78 4.03 -8.32
C SER D 132 -10.94 3.84 -7.05
N ALA D 133 -11.46 4.32 -5.93
CA ALA D 133 -10.78 4.15 -4.65
C ALA D 133 -11.26 2.87 -3.99
N THR D 134 -12.19 2.16 -4.62
CA THR D 134 -12.71 0.93 -4.03
C THR D 134 -11.65 -0.13 -3.69
N PRO D 135 -10.60 -0.27 -4.53
CA PRO D 135 -9.58 -1.28 -4.20
C PRO D 135 -8.93 -1.03 -2.83
N PHE D 136 -8.90 0.24 -2.42
CA PHE D 136 -8.31 0.67 -1.15
C PHE D 136 -9.19 0.24 0.04
N GLY D 137 -10.51 0.16 -0.18
CA GLY D 137 -11.42 -0.24 0.87
C GLY D 137 -12.56 -1.05 0.27
N PRO D 138 -12.31 -2.31 -0.10
CA PRO D 138 -13.33 -3.16 -0.71
C PRO D 138 -14.59 -3.42 0.11
N TRP D 139 -15.75 -3.32 -0.55
CA TRP D 139 -17.01 -3.63 0.10
C TRP D 139 -17.21 -5.10 -0.23
N LYS D 140 -17.99 -5.76 0.61
CA LYS D 140 -18.31 -7.17 0.42
C LYS D 140 -19.24 -7.28 -0.80
N GLU D 141 -19.04 -8.30 -1.63
CA GLU D 141 -19.92 -8.56 -2.78
C GLU D 141 -19.83 -7.69 -4.04
N LEU D 142 -18.65 -7.14 -4.29
CA LEU D 142 -18.45 -6.34 -5.49
C LEU D 142 -17.06 -6.70 -6.03
N SER D 143 -16.76 -7.99 -6.04
CA SER D 143 -15.46 -8.48 -6.47
C SER D 143 -15.09 -8.23 -7.93
N THR D 144 -16.07 -8.22 -8.84
CA THR D 144 -15.78 -7.98 -10.26
C THR D 144 -15.32 -6.55 -10.51
N TYR D 145 -16.15 -5.59 -10.11
CA TYR D 145 -15.86 -4.18 -10.30
C TYR D 145 -14.61 -3.73 -9.56
N THR D 146 -14.51 -4.11 -8.29
CA THR D 146 -13.37 -3.70 -7.49
C THR D 146 -12.03 -4.22 -8.01
N SER D 147 -11.95 -5.51 -8.29
CA SER D 147 -10.68 -6.05 -8.77
C SER D 147 -10.32 -5.48 -10.15
N ALA D 148 -11.31 -5.25 -11.00
CA ALA D 148 -11.02 -4.69 -12.32
C ALA D 148 -10.40 -3.31 -12.15
N ARG D 149 -10.98 -2.52 -11.26
CA ARG D 149 -10.47 -1.17 -11.02
C ARG D 149 -9.02 -1.21 -10.58
N ALA D 150 -8.68 -2.19 -9.73
CA ALA D 150 -7.31 -2.32 -9.25
C ALA D 150 -6.37 -2.56 -10.43
N GLY D 151 -6.79 -3.40 -11.37
CA GLY D 151 -5.95 -3.65 -12.53
C GLY D 151 -5.67 -2.35 -13.25
N ALA D 152 -6.70 -1.52 -13.37
CA ALA D 152 -6.57 -0.23 -14.04
C ALA D 152 -5.60 0.68 -13.32
N CYS D 153 -5.64 0.68 -11.98
CA CYS D 153 -4.72 1.54 -11.21
C CYS D 153 -3.28 1.12 -11.43
N THR D 154 -3.04 -0.19 -11.40
CA THR D 154 -1.71 -0.71 -11.60
C THR D 154 -1.24 -0.48 -13.04
N LEU D 155 -2.17 -0.53 -13.98
CA LEU D 155 -1.84 -0.32 -15.40
C LEU D 155 -1.20 1.06 -15.52
N ALA D 156 -1.84 2.03 -14.92
CA ALA D 156 -1.35 3.41 -14.97
C ALA D 156 0.05 3.50 -14.38
N ASN D 157 0.20 2.99 -13.15
CA ASN D 157 1.48 3.05 -12.48
C ASN D 157 2.55 2.35 -13.32
N ALA D 158 2.24 1.17 -13.84
CA ALA D 158 3.19 0.43 -14.64
C ALA D 158 3.58 1.24 -15.89
N LEU D 159 2.59 1.85 -16.52
CA LEU D 159 2.85 2.65 -17.72
C LEU D 159 3.74 3.86 -17.43
N SER D 160 3.59 4.45 -16.25
CA SER D 160 4.41 5.60 -15.90
C SER D 160 5.88 5.23 -15.95
N LYS D 161 6.17 3.96 -15.67
CA LYS D 161 7.54 3.46 -15.67
C LYS D 161 8.17 3.45 -17.07
N GLU D 162 7.38 3.12 -18.10
CA GLU D 162 7.95 3.10 -19.44
C GLU D 162 7.81 4.42 -20.18
N LEU D 163 6.74 5.16 -19.90
CA LEU D 163 6.54 6.42 -20.60
C LEU D 163 7.29 7.60 -20.02
N GLY D 164 7.83 7.43 -18.81
CA GLY D 164 8.58 8.51 -18.19
C GLY D 164 9.78 8.87 -19.05
N GLU D 165 10.41 7.88 -19.66
CA GLU D 165 11.58 8.12 -20.51
C GLU D 165 11.21 9.03 -21.69
N TYR D 166 9.92 9.09 -22.01
CA TYR D 166 9.44 9.93 -23.11
C TYR D 166 8.76 11.21 -22.62
N ASN D 167 8.96 11.52 -21.34
CA ASN D 167 8.39 12.71 -20.72
C ASN D 167 6.87 12.71 -20.74
N ILE D 168 6.28 11.54 -20.54
CA ILE D 168 4.83 11.38 -20.53
C ILE D 168 4.37 10.91 -19.15
N PRO D 169 3.81 11.83 -18.35
CA PRO D 169 3.34 11.45 -17.02
C PRO D 169 2.06 10.63 -17.15
N VAL D 170 1.85 9.70 -16.22
CA VAL D 170 0.66 8.87 -16.24
C VAL D 170 0.13 8.82 -14.82
N PHE D 171 -1.15 9.15 -14.65
CA PHE D 171 -1.77 9.15 -13.33
C PHE D 171 -3.07 8.34 -13.31
N ALA D 172 -3.51 7.99 -12.10
CA ALA D 172 -4.77 7.29 -11.93
C ALA D 172 -5.49 8.02 -10.78
N ILE D 173 -6.69 8.52 -11.05
CA ILE D 173 -7.47 9.22 -10.02
C ILE D 173 -8.58 8.26 -9.62
N GLY D 174 -8.54 7.80 -8.37
CA GLY D 174 -9.54 6.87 -7.89
C GLY D 174 -10.54 7.55 -6.99
N PRO D 175 -11.73 7.86 -7.51
CA PRO D 175 -12.70 8.51 -6.64
C PRO D 175 -13.63 7.52 -5.95
N ASN D 176 -14.44 8.08 -5.05
CA ASN D 176 -15.49 7.35 -4.37
C ASN D 176 -16.29 8.46 -3.74
N TYR D 177 -17.60 8.29 -3.70
CA TYR D 177 -18.50 9.29 -3.17
C TYR D 177 -18.36 10.62 -3.92
N LEU D 178 -18.01 10.51 -5.20
CA LEU D 178 -17.87 11.68 -6.07
C LEU D 178 -19.25 11.98 -6.67
N HIS D 179 -19.81 13.13 -6.32
CA HIS D 179 -21.12 13.54 -6.83
C HIS D 179 -21.09 13.48 -8.35
N SER D 180 -22.11 12.88 -8.95
CA SER D 180 -22.16 12.75 -10.41
C SER D 180 -23.32 13.53 -11.03
N GLU D 181 -24.04 14.28 -10.19
CA GLU D 181 -25.15 15.10 -10.63
C GLU D 181 -26.26 14.32 -11.33
N ASP D 182 -26.41 14.49 -12.63
CA ASP D 182 -27.46 13.78 -13.34
C ASP D 182 -27.08 12.38 -13.81
N SER D 183 -25.80 12.06 -13.79
CA SER D 183 -25.36 10.74 -14.22
C SER D 183 -25.59 9.73 -13.11
N PRO D 184 -26.09 8.53 -13.47
CA PRO D 184 -26.33 7.51 -12.46
C PRO D 184 -25.04 6.82 -12.11
N TYR D 185 -23.97 7.22 -12.77
CA TYR D 185 -22.73 6.56 -12.50
C TYR D 185 -22.08 6.90 -11.19
N PHE D 186 -22.56 6.12 -10.23
CA PHE D 186 -22.12 6.09 -8.87
C PHE D 186 -22.78 7.03 -7.87
N TYR D 187 -22.80 8.34 -8.08
CA TYR D 187 -23.45 9.18 -7.08
C TYR D 187 -24.29 10.38 -7.52
N PRO D 188 -25.43 10.12 -8.17
CA PRO D 188 -26.32 11.18 -8.66
C PRO D 188 -26.92 12.03 -7.53
N THR D 189 -27.33 13.26 -7.86
CA THR D 189 -27.91 14.16 -6.87
C THR D 189 -29.07 13.48 -6.15
N GLU D 190 -29.88 12.76 -6.93
CA GLU D 190 -31.00 12.01 -6.37
C GLU D 190 -30.46 10.59 -6.33
N PRO D 191 -30.44 9.96 -5.14
CA PRO D 191 -30.86 10.40 -3.82
C PRO D 191 -29.74 10.83 -2.87
N TRP D 192 -28.50 10.79 -3.34
CA TRP D 192 -27.36 11.09 -2.49
C TRP D 192 -27.29 12.44 -1.77
N LYS D 193 -27.91 13.48 -2.33
CA LYS D 193 -27.89 14.78 -1.66
C LYS D 193 -29.28 15.11 -1.14
N THR D 194 -30.24 14.24 -1.45
CA THR D 194 -31.62 14.52 -1.06
C THR D 194 -32.35 13.56 -0.14
N ASN D 195 -31.87 12.32 -0.02
CA ASN D 195 -32.52 11.34 0.86
C ASN D 195 -31.78 11.26 2.19
N PRO D 196 -32.49 11.35 3.32
CA PRO D 196 -31.84 11.28 4.62
C PRO D 196 -30.87 10.11 4.80
N GLU D 197 -31.33 8.89 4.57
CA GLU D 197 -30.45 7.73 4.74
C GLU D 197 -29.17 7.80 3.92
N HIS D 198 -29.25 8.34 2.70
CA HIS D 198 -28.06 8.44 1.87
C HIS D 198 -27.15 9.56 2.35
N VAL D 199 -27.73 10.72 2.66
CA VAL D 199 -26.95 11.84 3.16
C VAL D 199 -26.21 11.39 4.43
N ALA D 200 -26.92 10.66 5.29
CA ALA D 200 -26.33 10.16 6.54
C ALA D 200 -25.20 9.16 6.29
N HIS D 201 -25.38 8.29 5.30
CA HIS D 201 -24.36 7.29 4.98
C HIS D 201 -23.07 7.98 4.58
N VAL D 202 -23.17 8.97 3.70
CA VAL D 202 -22.00 9.71 3.24
C VAL D 202 -21.29 10.38 4.41
N LYS D 203 -22.08 10.99 5.29
CA LYS D 203 -21.56 11.68 6.46
C LYS D 203 -20.79 10.72 7.38
N LYS D 204 -21.20 9.46 7.42
CA LYS D 204 -20.52 8.50 8.29
C LYS D 204 -19.24 7.94 7.71
N VAL D 205 -19.29 7.57 6.44
CA VAL D 205 -18.14 6.95 5.77
C VAL D 205 -17.01 7.83 5.26
N THR D 206 -17.26 9.13 5.05
CA THR D 206 -16.21 10.03 4.59
C THR D 206 -15.71 10.94 5.72
N ALA D 207 -14.42 11.28 5.70
CA ALA D 207 -13.85 12.14 6.72
C ALA D 207 -14.40 13.56 6.63
N LEU D 208 -14.57 14.04 5.40
CA LEU D 208 -15.10 15.38 5.19
C LEU D 208 -16.63 15.43 5.30
N GLN D 209 -17.25 14.27 5.47
CA GLN D 209 -18.71 14.15 5.63
C GLN D 209 -19.55 14.84 4.56
N ARG D 210 -19.23 14.55 3.30
CA ARG D 210 -19.95 15.11 2.16
C ARG D 210 -19.46 14.41 0.92
N LEU D 211 -20.16 14.64 -0.19
CA LEU D 211 -19.76 14.06 -1.46
C LEU D 211 -18.65 14.93 -2.03
N GLY D 212 -17.81 14.37 -2.89
CA GLY D 212 -16.76 15.16 -3.51
C GLY D 212 -17.45 15.88 -4.64
N THR D 213 -16.87 16.95 -5.16
CA THR D 213 -17.52 17.68 -6.23
C THR D 213 -16.85 17.49 -7.60
N GLN D 214 -17.65 17.60 -8.66
CA GLN D 214 -17.11 17.48 -10.01
C GLN D 214 -16.03 18.55 -10.12
N LYS D 215 -16.31 19.71 -9.54
CA LYS D 215 -15.37 20.83 -9.57
C LYS D 215 -14.01 20.39 -9.03
N GLU D 216 -14.02 19.69 -7.91
CA GLU D 216 -12.76 19.25 -7.31
C GLU D 216 -12.02 18.28 -8.24
N LEU D 217 -12.74 17.32 -8.81
CA LEU D 217 -12.12 16.36 -9.72
C LEU D 217 -11.56 17.12 -10.93
N GLY D 218 -12.36 18.04 -11.45
CA GLY D 218 -11.94 18.82 -12.60
C GLY D 218 -10.66 19.61 -12.33
N GLU D 219 -10.57 20.22 -11.15
CA GLU D 219 -9.38 20.99 -10.79
C GLU D 219 -8.14 20.10 -10.77
N LEU D 220 -8.30 18.88 -10.27
CA LEU D 220 -7.18 17.95 -10.20
C LEU D 220 -6.74 17.53 -11.59
N VAL D 221 -7.70 17.17 -12.43
CA VAL D 221 -7.40 16.75 -13.80
C VAL D 221 -6.70 17.88 -14.54
N ALA D 222 -7.22 19.10 -14.43
CA ALA D 222 -6.63 20.24 -15.12
C ALA D 222 -5.22 20.54 -14.57
N PHE D 223 -5.04 20.37 -13.26
CA PHE D 223 -3.76 20.61 -12.62
C PHE D 223 -2.69 19.66 -13.14
N LEU D 224 -3.04 18.37 -13.22
CA LEU D 224 -2.13 17.34 -13.70
C LEU D 224 -1.82 17.49 -15.18
N ALA D 225 -2.84 17.86 -15.96
CA ALA D 225 -2.67 18.01 -17.40
C ALA D 225 -1.93 19.29 -17.76
N SER D 226 -1.86 20.24 -16.83
CA SER D 226 -1.19 21.52 -17.07
C SER D 226 0.32 21.42 -17.21
N GLY D 227 0.88 20.30 -16.76
CA GLY D 227 2.33 20.13 -16.81
C GLY D 227 2.99 20.88 -15.67
N SER D 228 2.20 21.24 -14.66
CA SER D 228 2.72 21.98 -13.51
C SER D 228 3.35 21.08 -12.46
N CYS D 229 3.03 19.79 -12.51
CA CYS D 229 3.58 18.88 -11.53
C CYS D 229 3.71 17.48 -12.12
N ASP D 230 4.46 17.38 -13.22
CA ASP D 230 4.69 16.08 -13.87
C ASP D 230 5.38 15.09 -12.94
N TYR D 231 6.10 15.59 -11.95
CA TYR D 231 6.83 14.71 -11.04
C TYR D 231 5.96 13.78 -10.18
N LEU D 232 4.64 13.90 -10.29
CA LEU D 232 3.75 13.01 -9.55
C LEU D 232 3.44 11.81 -10.42
N THR D 233 4.11 11.69 -11.56
CA THR D 233 3.84 10.57 -12.45
C THR D 233 3.86 9.23 -11.74
N GLY D 234 2.83 8.42 -11.98
CA GLY D 234 2.72 7.11 -11.36
C GLY D 234 1.82 7.13 -10.16
N GLN D 235 1.37 8.32 -9.78
CA GLN D 235 0.51 8.49 -8.61
C GLN D 235 -0.89 7.92 -8.75
N VAL D 236 -1.35 7.28 -7.68
CA VAL D 236 -2.70 6.79 -7.64
C VAL D 236 -3.29 7.75 -6.61
N PHE D 237 -4.21 8.58 -7.05
CA PHE D 237 -4.86 9.56 -6.18
C PHE D 237 -6.12 8.99 -5.56
N TRP D 238 -6.23 9.14 -4.24
CA TRP D 238 -7.38 8.66 -3.52
C TRP D 238 -8.34 9.84 -3.28
N LEU D 239 -9.16 10.13 -4.28
CA LEU D 239 -10.13 11.23 -4.24
C LEU D 239 -11.39 10.70 -3.55
N ALA D 240 -11.31 10.41 -2.25
CA ALA D 240 -12.46 9.87 -1.54
C ALA D 240 -12.83 10.58 -0.24
N GLY D 241 -12.44 11.84 -0.11
CA GLY D 241 -12.77 12.60 1.08
C GLY D 241 -12.40 12.01 2.43
N GLY D 242 -11.37 11.16 2.43
CA GLY D 242 -10.94 10.56 3.69
C GLY D 242 -11.56 9.21 3.97
N PHE D 243 -12.33 8.71 3.00
CA PHE D 243 -12.94 7.40 3.13
C PHE D 243 -11.78 6.41 3.12
N PRO D 244 -11.91 5.30 3.88
CA PRO D 244 -13.06 4.93 4.69
C PRO D 244 -12.91 5.33 6.16
N MET D 245 -14.02 5.79 6.74
CA MET D 245 -14.04 6.14 8.16
C MET D 245 -14.37 4.82 8.83
N ILE D 246 -13.55 4.41 9.80
CA ILE D 246 -13.70 3.13 10.48
C ILE D 246 -14.52 3.15 11.77
N GLU D 247 -15.52 2.27 11.81
CA GLU D 247 -16.39 2.12 12.98
C GLU D 247 -15.53 1.88 14.22
N ARG D 248 -15.67 2.72 15.25
CA ARG D 248 -14.87 2.55 16.45
C ARG D 248 -15.55 1.68 17.50
N TRP D 249 -14.83 1.43 18.61
CA TRP D 249 -15.35 0.59 19.68
C TRP D 249 -16.66 1.09 20.28
N PRO D 250 -17.43 0.18 20.92
CA PRO D 250 -18.70 0.53 21.55
C PRO D 250 -18.50 1.64 22.57
N GLY D 251 -19.44 2.58 22.62
CA GLY D 251 -19.35 3.69 23.56
C GLY D 251 -18.65 4.93 23.04
N MET D 252 -17.80 4.77 22.05
CA MET D 252 -17.08 5.90 21.48
C MET D 252 -17.98 6.69 20.52
N PRO D 253 -17.93 8.03 20.59
CA PRO D 253 -18.74 8.92 19.74
C PRO D 253 -18.53 8.69 18.25
#